data_7M0D
#
_entry.id   7M0D
#
_cell.length_a   95.442
_cell.length_b   151.989
_cell.length_c   86.473
_cell.angle_alpha   90.000
_cell.angle_beta   90.000
_cell.angle_gamma   90.000
#
_symmetry.space_group_name_H-M   'P 21 21 2'
#
loop_
_entity.id
_entity.type
_entity.pdbx_description
1 polymer 'DNA polymerase lambda'
2 polymer "DNA (5'-D(*CP*GP*GP*CP*AP*GP*C)-3')"
3 polymer "DNA (5'-D(*CP*AP*GP*TP*GP*C)-3')"
4 polymer "DNA (5'-D(P*GP*CP*CP*G)-3')"
5 polymer "DNA (5'-D(*AP*CP*TP*G)-3')"
6 non-polymer "2'-DEOXYURIDINE 5'-ALPHA,BETA-IMIDO-TRIPHOSPHATE"
7 non-polymer 'SODIUM ION'
8 non-polymer 'MAGNESIUM ION'
9 non-polymer 'POTASSIUM ION'
10 non-polymer 2-AMINO-2-HYDROXYMETHYL-PROPANE-1,3-DIOL
11 non-polymer 'CITRIC ACID'
12 non-polymer 1,2-ETHANEDIOL
13 non-polymer 'CHLORIDE ION'
14 non-polymer 'FORMIC ACID'
15 water water
#
loop_
_entity_poly.entity_id
_entity_poly.type
_entity_poly.pdbx_seq_one_letter_code
_entity_poly.pdbx_strand_id
1 'polypeptide(L)'
;GSAAAVLDKWVCAQPSSQKATNHNLHITEKLEVLAKAYSVQGDKWRALGYAKAINALKSFHKPVTSYQEACSIPGIGKRM
AEKIIEILESGHLRKLDHISESVPVLELFSNIWGAGTKTAQMWYQQGFRSLEDIRSQASLTTQQAIGLKHYSDFLERMPR
EEATEIEQTVQKAAQAFNSGLLCVACGSYRRGKATCGDVDVLITHPDGRSHRGIFSRLLDSLRQEGFLTDDLVSQEENGQ
QQKYLGVCRLPGPGRRHRRLDIIVVPYSEFACALLYFTGSAHFNRSMRALAKTKGMSLSEHALSTAVVRNTHGCKVGPGR
VLPTPTEKDVFRLLGLPYREPAERDW
;
A,B
2 'polydeoxyribonucleotide' (DC)(DG)(DG)(DC)(DA)(DG)(DC) G,K
3 'polydeoxyribonucleotide' (DC)(DA)(DG)(DT)(DG)(DC) F,J
4 'polydeoxyribonucleotide' (DG)(DC)(DC)(DG) H,L
5 'polydeoxyribonucleotide' (DA)(DC)(DT)(DG) I,E
#
loop_
_chem_comp.id
_chem_comp.type
_chem_comp.name
_chem_comp.formula
CIT non-polymer 'CITRIC ACID' 'C6 H8 O7'
CL non-polymer 'CHLORIDE ION' 'Cl -1'
DA DNA linking 2'-DEOXYADENOSINE-5'-MONOPHOSPHATE 'C10 H14 N5 O6 P'
DC DNA linking 2'-DEOXYCYTIDINE-5'-MONOPHOSPHATE 'C9 H14 N3 O7 P'
DG DNA linking 2'-DEOXYGUANOSINE-5'-MONOPHOSPHATE 'C10 H14 N5 O7 P'
DT DNA linking THYMIDINE-5'-MONOPHOSPHATE 'C10 H15 N2 O8 P'
DUP non-polymer '2'-DEOXYURIDINE 5'-ALPHA,BETA-IMIDO-TRIPHOSPHATE' 'C9 H16 N3 O13 P3'
EDO non-polymer 1,2-ETHANEDIOL 'C2 H6 O2'
FMT non-polymer 'FORMIC ACID' 'C H2 O2'
K non-polymer 'POTASSIUM ION' 'K 1'
MG non-polymer 'MAGNESIUM ION' 'Mg 2'
NA non-polymer 'SODIUM ION' 'Na 1'
TRS non-polymer 2-AMINO-2-HYDROXYMETHYL-PROPANE-1,3-DIOL 'C4 H12 N O3 1'
#
# COMPACT_ATOMS: atom_id res chain seq x y z
N ASP A 8 16.41 -32.34 5.94
CA ASP A 8 16.00 -31.20 5.14
C ASP A 8 16.00 -29.91 5.97
N LYS A 9 16.35 -28.81 5.32
CA LYS A 9 16.57 -27.54 5.98
C LYS A 9 15.31 -26.71 6.19
N TRP A 10 14.18 -27.09 5.58
CA TRP A 10 13.01 -26.22 5.50
C TRP A 10 11.85 -26.79 6.32
N VAL A 11 11.45 -26.11 7.41
CA VAL A 11 10.40 -26.71 8.23
C VAL A 11 9.10 -26.75 7.45
N CYS A 12 8.89 -25.80 6.52
CA CYS A 12 7.65 -25.79 5.74
C CYS A 12 7.55 -26.96 4.78
N ALA A 13 8.63 -27.70 4.56
CA ALA A 13 8.61 -28.90 3.73
C ALA A 13 8.40 -30.19 4.52
N GLN A 14 8.16 -30.08 5.83
CA GLN A 14 8.10 -31.21 6.73
C GLN A 14 6.88 -31.15 7.63
N PRO A 15 6.34 -32.30 8.04
CA PRO A 15 5.15 -32.29 8.90
C PRO A 15 5.55 -32.05 10.35
N SER A 16 4.81 -31.14 11.01
CA SER A 16 5.05 -30.80 12.39
C SER A 16 4.74 -31.95 13.35
N SER A 17 4.04 -32.98 12.89
CA SER A 17 3.85 -34.16 13.73
C SER A 17 5.18 -34.85 14.05
N GLN A 18 6.26 -34.51 13.38
CA GLN A 18 7.58 -34.97 13.82
C GLN A 18 7.87 -34.56 15.26
N LYS A 19 7.21 -33.51 15.76
CA LYS A 19 7.41 -33.04 17.14
C LYS A 19 6.52 -33.77 18.15
N ALA A 20 5.66 -34.68 17.71
CA ALA A 20 4.65 -35.26 18.60
C ALA A 20 5.30 -36.02 19.75
N THR A 21 6.37 -36.74 19.47
CA THR A 21 7.21 -37.35 20.51
C THR A 21 8.51 -36.56 20.54
N ASN A 22 8.69 -35.78 21.60
CA ASN A 22 9.91 -35.01 21.82
C ASN A 22 10.89 -35.87 22.62
N HIS A 23 11.85 -36.47 21.93
CA HIS A 23 12.85 -37.30 22.55
C HIS A 23 13.88 -36.49 23.32
N ASN A 24 13.82 -35.18 23.24
CA ASN A 24 14.82 -34.30 23.83
C ASN A 24 14.17 -33.29 24.76
N LEU A 25 13.11 -33.73 25.45
CA LEU A 25 12.36 -32.84 26.32
C LEU A 25 13.24 -32.25 27.41
N HIS A 26 14.11 -33.11 28.00
CA HIS A 26 15.03 -32.69 29.05
C HIS A 26 15.89 -31.51 28.59
N ILE A 27 16.21 -31.46 27.31
CA ILE A 27 17.06 -30.41 26.78
C ILE A 27 16.24 -29.18 26.42
N THR A 28 15.12 -29.37 25.71
CA THR A 28 14.40 -28.22 25.21
C THR A 28 13.77 -27.41 26.33
N GLU A 29 13.40 -28.04 27.44
CA GLU A 29 12.82 -27.26 28.54
C GLU A 29 13.84 -26.26 29.09
N LYS A 30 15.09 -26.68 29.26
CA LYS A 30 16.13 -25.77 29.71
C LYS A 30 16.41 -24.69 28.67
N LEU A 31 16.55 -25.06 27.39
CA LEU A 31 16.86 -24.05 26.38
C LEU A 31 15.75 -23.01 26.25
N GLU A 32 14.50 -23.40 26.49
CA GLU A 32 13.38 -22.46 26.36
C GLU A 32 13.47 -21.35 27.41
N VAL A 33 13.98 -21.66 28.60
CA VAL A 33 14.16 -20.63 29.61
C VAL A 33 15.14 -19.58 29.12
N LEU A 34 16.26 -20.03 28.57
CA LEU A 34 17.26 -19.09 28.08
C LEU A 34 16.74 -18.31 26.88
N ALA A 35 16.04 -18.98 25.97
CA ALA A 35 15.47 -18.31 24.82
C ALA A 35 14.53 -17.18 25.25
N LYS A 36 13.67 -17.46 26.23
CA LYS A 36 12.72 -16.46 26.68
C LYS A 36 13.42 -15.30 27.36
N ALA A 37 14.50 -15.56 28.11
CA ALA A 37 15.30 -14.48 28.68
C ALA A 37 15.83 -13.55 27.58
N TYR A 38 16.42 -14.10 26.53
CA TYR A 38 16.89 -13.27 25.44
C TYR A 38 15.77 -12.49 24.80
N SER A 39 14.61 -13.13 24.66
CA SER A 39 13.48 -12.50 24.01
C SER A 39 13.00 -11.27 24.79
N VAL A 40 12.82 -11.41 26.10
CA VAL A 40 12.28 -10.27 26.86
C VAL A 40 13.32 -9.17 27.02
N GLN A 41 14.62 -9.48 26.87
CA GLN A 41 15.65 -8.46 26.83
C GLN A 41 15.78 -7.76 25.49
N GLY A 42 14.99 -8.15 24.49
CA GLY A 42 15.02 -7.51 23.20
C GLY A 42 16.01 -8.10 22.21
N ASP A 43 16.66 -9.20 22.53
CA ASP A 43 17.64 -9.81 21.62
C ASP A 43 16.91 -10.78 20.68
N LYS A 44 16.15 -10.18 19.78
CA LYS A 44 15.17 -10.95 19.02
C LYS A 44 15.84 -11.95 18.08
N TRP A 45 16.98 -11.62 17.49
CA TRP A 45 17.60 -12.56 16.54
C TRP A 45 18.24 -13.73 17.27
N ARG A 46 18.87 -13.49 18.43
CA ARG A 46 19.35 -14.61 19.22
C ARG A 46 18.21 -15.50 19.65
N ALA A 47 17.08 -14.90 20.08
CA ALA A 47 15.94 -15.72 20.48
C ALA A 47 15.38 -16.51 19.32
N LEU A 48 15.40 -15.94 18.13
CA LEU A 48 14.93 -16.67 16.95
C LEU A 48 15.79 -17.88 16.67
N GLY A 49 17.11 -17.73 16.77
CA GLY A 49 18.00 -18.88 16.59
C GLY A 49 17.74 -19.98 17.60
N TYR A 50 17.46 -19.61 18.87
CA TYR A 50 17.07 -20.61 19.86
C TYR A 50 15.76 -21.29 19.50
N ALA A 51 14.77 -20.52 19.04
CA ALA A 51 13.47 -21.11 18.73
C ALA A 51 13.62 -22.15 17.63
N LYS A 52 14.43 -21.85 16.61
CA LYS A 52 14.66 -22.80 15.53
C LYS A 52 15.45 -24.03 16.00
N ALA A 53 16.44 -23.85 16.88
CA ALA A 53 17.14 -25.00 17.44
C ALA A 53 16.20 -25.87 18.26
N ILE A 54 15.33 -25.25 19.05
CA ILE A 54 14.40 -26.02 19.86
C ILE A 54 13.45 -26.83 18.98
N ASN A 55 12.94 -26.25 17.89
CA ASN A 55 12.11 -27.02 16.97
C ASN A 55 12.88 -28.18 16.35
N ALA A 56 14.15 -27.95 16.01
CA ALA A 56 14.96 -29.03 15.46
C ALA A 56 15.12 -30.18 16.45
N LEU A 57 15.33 -29.87 17.72
CA LEU A 57 15.45 -30.91 18.75
C LEU A 57 14.13 -31.63 18.95
N LYS A 58 13.02 -30.89 18.96
CA LYS A 58 11.72 -31.54 19.08
C LYS A 58 11.45 -32.46 17.91
N SER A 59 11.88 -32.05 16.71
CA SER A 59 11.60 -32.81 15.49
C SER A 59 12.45 -34.07 15.38
N PHE A 60 13.63 -34.07 15.99
CA PHE A 60 14.61 -35.12 15.72
C PHE A 60 14.08 -36.51 16.10
N HIS A 61 14.46 -37.52 15.32
CA HIS A 61 13.84 -38.85 15.41
C HIS A 61 14.30 -39.68 16.60
N LYS A 62 15.22 -39.21 17.42
CA LYS A 62 15.71 -39.94 18.57
C LYS A 62 16.30 -38.94 19.54
N PRO A 63 16.59 -39.34 20.77
CA PRO A 63 17.38 -38.45 21.65
C PRO A 63 18.72 -38.15 21.01
N VAL A 64 19.15 -36.90 21.08
CA VAL A 64 20.50 -36.54 20.67
C VAL A 64 21.46 -37.19 21.66
N THR A 65 22.46 -37.90 21.14
CA THR A 65 23.39 -38.59 22.01
C THR A 65 24.84 -38.15 21.87
N SER A 66 25.16 -37.22 20.98
CA SER A 66 26.55 -36.77 20.89
C SER A 66 26.62 -35.36 20.32
N TYR A 67 27.72 -34.69 20.64
CA TYR A 67 27.99 -33.37 20.10
C TYR A 67 28.05 -33.41 18.58
N GLN A 68 28.71 -34.42 18.02
CA GLN A 68 28.81 -34.54 16.57
C GLN A 68 27.42 -34.69 15.94
N GLU A 69 26.58 -35.52 16.52
CA GLU A 69 25.22 -35.68 16.00
C GLU A 69 24.43 -34.37 16.10
N ALA A 70 24.56 -33.66 17.22
CA ALA A 70 23.90 -32.37 17.36
C ALA A 70 24.29 -31.41 16.23
N CYS A 71 25.58 -31.31 15.94
CA CYS A 71 26.06 -30.40 14.92
C CYS A 71 25.61 -30.79 13.51
N SER A 72 25.22 -32.05 13.31
CA SER A 72 24.70 -32.47 12.02
C SER A 72 23.28 -31.98 11.77
N ILE A 73 22.58 -31.49 12.78
CA ILE A 73 21.17 -31.10 12.64
C ILE A 73 21.11 -29.67 12.14
N PRO A 74 20.41 -29.39 11.03
CA PRO A 74 20.19 -27.99 10.65
C PRO A 74 19.57 -27.19 11.78
N GLY A 75 20.16 -26.04 12.04
CA GLY A 75 19.70 -25.18 13.12
C GLY A 75 20.49 -25.30 14.40
N ILE A 76 21.45 -26.22 14.47
CA ILE A 76 22.27 -26.41 15.65
C ILE A 76 23.72 -26.25 15.24
N GLY A 77 24.42 -25.28 15.85
CA GLY A 77 25.83 -25.08 15.63
C GLY A 77 26.66 -25.44 16.86
N LYS A 78 27.92 -24.98 16.86
CA LYS A 78 28.84 -25.32 17.95
C LYS A 78 28.33 -24.83 19.30
N ARG A 79 27.86 -23.59 19.35
CA ARG A 79 27.45 -23.03 20.62
C ARG A 79 26.22 -23.76 21.16
N MET A 80 25.23 -24.00 20.31
CA MET A 80 24.06 -24.72 20.76
C MET A 80 24.42 -26.15 21.15
N ALA A 81 25.29 -26.80 20.38
CA ALA A 81 25.66 -28.18 20.69
C ALA A 81 26.36 -28.26 22.05
N GLU A 82 27.18 -27.27 22.39
CA GLU A 82 27.83 -27.27 23.69
C GLU A 82 26.81 -27.31 24.82
N LYS A 83 25.75 -26.50 24.69
CA LYS A 83 24.72 -26.41 25.73
C LYS A 83 23.89 -27.67 25.77
N ILE A 84 23.56 -28.20 24.59
CA ILE A 84 22.81 -29.45 24.52
C ILE A 84 23.53 -30.55 25.26
N ILE A 85 24.85 -30.68 25.04
CA ILE A 85 25.61 -31.75 25.66
C ILE A 85 25.83 -31.49 27.16
N GLU A 86 25.99 -30.24 27.58
CA GLU A 86 26.04 -29.97 29.02
C GLU A 86 24.77 -30.46 29.70
N ILE A 87 23.61 -30.14 29.11
CA ILE A 87 22.35 -30.53 29.71
C ILE A 87 22.21 -32.03 29.70
N LEU A 88 22.49 -32.62 28.54
CA LEU A 88 22.40 -34.06 28.38
C LEU A 88 23.17 -34.78 29.48
N GLU A 89 24.41 -34.35 29.75
CA GLU A 89 25.28 -35.12 30.61
C GLU A 89 25.29 -34.68 32.07
N SER A 90 24.80 -33.48 32.40
CA SER A 90 24.81 -33.00 33.78
C SER A 90 23.42 -32.75 34.33
N GLY A 91 22.40 -32.71 33.49
CA GLY A 91 21.07 -32.43 33.91
C GLY A 91 20.74 -30.97 34.04
N HIS A 92 21.72 -30.08 33.85
CA HIS A 92 21.51 -28.66 34.06
C HIS A 92 22.28 -27.82 33.04
N LEU A 93 21.91 -26.55 32.94
CA LEU A 93 22.60 -25.56 32.11
C LEU A 93 23.05 -24.42 33.03
N ARG A 94 24.36 -24.36 33.31
CA ARG A 94 24.86 -23.39 34.30
C ARG A 94 24.50 -21.96 33.92
N LYS A 95 24.42 -21.68 32.61
CA LYS A 95 24.10 -20.32 32.17
C LYS A 95 22.77 -19.83 32.73
N LEU A 96 21.86 -20.75 33.04
CA LEU A 96 20.58 -20.33 33.60
C LEU A 96 20.77 -19.69 34.97
N ASP A 97 21.82 -20.09 35.69
CA ASP A 97 22.07 -19.53 37.01
C ASP A 97 22.48 -18.07 36.97
N HIS A 98 22.89 -17.57 35.81
CA HIS A 98 23.44 -16.22 35.68
C HIS A 98 22.52 -15.26 34.95
N ILE A 99 21.29 -15.68 34.67
CA ILE A 99 20.30 -14.77 34.07
C ILE A 99 20.03 -13.60 35.00
N SER A 100 19.99 -12.39 34.43
CA SER A 100 19.78 -11.18 35.22
C SER A 100 18.50 -11.25 36.03
N GLU A 101 18.55 -10.72 37.26
CA GLU A 101 17.34 -10.65 38.09
C GLU A 101 16.26 -9.78 37.47
N SER A 102 16.61 -8.94 36.50
CA SER A 102 15.60 -8.12 35.83
C SER A 102 14.70 -8.94 34.91
N VAL A 103 15.11 -10.14 34.51
CA VAL A 103 14.38 -10.84 33.46
C VAL A 103 12.97 -11.20 33.86
N PRO A 104 12.69 -11.73 35.05
CA PRO A 104 11.29 -12.00 35.39
C PRO A 104 10.43 -10.74 35.39
N VAL A 105 10.99 -9.59 35.75
CA VAL A 105 10.21 -8.35 35.71
C VAL A 105 9.96 -7.92 34.27
N LEU A 106 10.99 -8.00 33.43
CA LEU A 106 10.79 -7.66 32.01
C LEU A 106 9.76 -8.57 31.37
N GLU A 107 9.70 -9.84 31.82
CA GLU A 107 8.72 -10.77 31.28
C GLU A 107 7.32 -10.39 31.73
N LEU A 108 7.18 -10.07 33.02
CA LEU A 108 5.93 -9.57 33.57
C LEU A 108 5.41 -8.39 32.78
N PHE A 109 6.27 -7.38 32.53
CA PHE A 109 5.82 -6.17 31.86
C PHE A 109 5.51 -6.41 30.39
N SER A 110 6.32 -7.22 29.70
CA SER A 110 6.02 -7.49 28.29
C SER A 110 4.89 -8.52 28.12
N ASN A 111 4.38 -9.12 29.20
CA ASN A 111 3.15 -9.90 29.12
C ASN A 111 1.90 -9.00 28.98
N ILE A 112 2.04 -7.69 29.16
CA ILE A 112 0.93 -6.76 28.91
C ILE A 112 0.81 -6.56 27.40
N TRP A 113 -0.38 -6.84 26.85
CA TRP A 113 -0.60 -6.61 25.42
C TRP A 113 -0.36 -5.14 25.09
N GLY A 114 0.51 -4.87 24.11
CA GLY A 114 0.83 -3.51 23.72
C GLY A 114 2.12 -2.97 24.33
N ALA A 115 2.69 -3.66 25.32
CA ALA A 115 4.01 -3.35 25.88
C ALA A 115 5.01 -4.40 25.42
N GLY A 116 6.05 -3.96 24.70
CA GLY A 116 7.12 -4.81 24.26
C GLY A 116 8.39 -4.61 25.10
N THR A 117 9.52 -4.99 24.53
N THR A 117 9.52 -4.99 24.54
CA THR A 117 10.77 -4.96 25.29
CA THR A 117 10.75 -4.94 25.31
C THR A 117 11.21 -3.52 25.60
C THR A 117 11.18 -3.51 25.62
N LYS A 118 10.98 -2.58 24.68
CA LYS A 118 11.42 -1.21 24.94
C LYS A 118 10.62 -0.58 26.08
N THR A 119 9.30 -0.83 26.10
CA THR A 119 8.47 -0.29 27.18
C THR A 119 8.80 -0.96 28.50
N ALA A 120 9.02 -2.28 28.49
CA ALA A 120 9.39 -2.98 29.72
C ALA A 120 10.70 -2.45 30.30
N GLN A 121 11.70 -2.24 29.43
CA GLN A 121 12.98 -1.69 29.85
C GLN A 121 12.79 -0.30 30.44
N MET A 122 11.95 0.51 29.81
CA MET A 122 11.77 1.88 30.29
C MET A 122 11.16 1.86 31.68
N TRP A 123 10.11 1.06 31.86
CA TRP A 123 9.47 0.96 33.16
C TRP A 123 10.45 0.46 34.21
N TYR A 124 11.25 -0.55 33.86
CA TYR A 124 12.24 -1.07 34.78
C TYR A 124 13.24 0.01 35.17
N GLN A 125 13.65 0.83 34.20
CA GLN A 125 14.61 1.88 34.52
C GLN A 125 13.98 2.96 35.39
N GLN A 126 12.66 3.13 35.30
CA GLN A 126 11.95 4.05 36.18
C GLN A 126 11.80 3.51 37.60
N GLY A 127 12.19 2.25 37.85
CA GLY A 127 12.12 1.67 39.18
C GLY A 127 10.91 0.79 39.41
N PHE A 128 10.06 0.61 38.40
CA PHE A 128 8.88 -0.22 38.57
C PHE A 128 9.25 -1.69 38.57
N ARG A 129 8.56 -2.45 39.39
CA ARG A 129 8.85 -3.86 39.55
C ARG A 129 7.62 -4.75 39.54
N SER A 130 6.41 -4.21 39.74
CA SER A 130 5.22 -5.02 39.86
C SER A 130 4.12 -4.45 38.97
N LEU A 131 3.11 -5.26 38.71
CA LEU A 131 1.98 -4.77 37.94
C LEU A 131 1.23 -3.67 38.70
N GLU A 132 1.25 -3.73 40.03
CA GLU A 132 0.63 -2.63 40.80
C GLU A 132 1.42 -1.33 40.65
N ASP A 133 2.75 -1.42 40.54
CA ASP A 133 3.55 -0.24 40.19
C ASP A 133 3.10 0.33 38.85
N ILE A 134 2.88 -0.53 37.86
CA ILE A 134 2.47 -0.08 36.54
C ILE A 134 1.11 0.60 36.63
N ARG A 135 0.16 -0.08 37.25
CA ARG A 135 -1.20 0.45 37.33
C ARG A 135 -1.21 1.81 38.00
N SER A 136 -0.45 1.95 39.09
CA SER A 136 -0.55 3.16 39.90
C SER A 136 0.31 4.32 39.40
N GLN A 137 1.41 4.05 38.68
CA GLN A 137 2.41 5.07 38.42
C GLN A 137 2.86 5.20 36.97
N ALA A 138 2.68 4.18 36.14
CA ALA A 138 3.32 4.18 34.84
C ALA A 138 2.45 4.89 33.81
N SER A 139 3.09 5.48 32.82
CA SER A 139 2.36 6.03 31.68
C SER A 139 1.99 4.86 30.77
N LEU A 140 0.71 4.77 30.40
CA LEU A 140 0.16 3.65 29.64
C LEU A 140 -0.53 4.18 28.39
N THR A 141 -0.25 3.55 27.26
CA THR A 141 -1.04 3.84 26.08
C THR A 141 -2.46 3.29 26.25
N THR A 142 -3.33 3.65 25.32
CA THR A 142 -4.70 3.14 25.35
C THR A 142 -4.71 1.62 25.24
N GLN A 143 -3.90 1.08 24.35
CA GLN A 143 -3.83 -0.38 24.18
C GLN A 143 -3.29 -1.04 25.44
N GLN A 144 -2.24 -0.48 26.02
CA GLN A 144 -1.62 -1.08 27.19
C GLN A 144 -2.54 -1.06 28.39
N ALA A 145 -3.39 -0.04 28.54
CA ALA A 145 -4.31 -0.02 29.66
C ALA A 145 -5.34 -1.14 29.54
N ILE A 146 -5.74 -1.48 28.30
CA ILE A 146 -6.62 -2.63 28.08
C ILE A 146 -5.88 -3.92 28.38
N GLY A 147 -4.63 -4.03 27.90
CA GLY A 147 -3.84 -5.22 28.17
C GLY A 147 -3.60 -5.44 29.64
N LEU A 148 -3.40 -4.35 30.39
CA LEU A 148 -3.16 -4.50 31.82
C LEU A 148 -4.42 -4.90 32.56
N LYS A 149 -5.57 -4.31 32.20
CA LYS A 149 -6.77 -4.62 32.95
C LYS A 149 -7.21 -6.06 32.71
N HIS A 150 -6.87 -6.60 31.55
CA HIS A 150 -7.17 -7.99 31.26
C HIS A 150 -5.95 -8.90 31.37
N TYR A 151 -4.93 -8.49 32.11
CA TYR A 151 -3.65 -9.19 32.11
C TYR A 151 -3.83 -10.70 32.33
N SER A 152 -4.56 -11.07 33.38
CA SER A 152 -4.60 -12.49 33.75
C SER A 152 -5.46 -13.27 32.77
N ASP A 153 -6.60 -12.71 32.36
CA ASP A 153 -7.44 -13.37 31.36
C ASP A 153 -6.66 -13.66 30.09
N PHE A 154 -5.85 -12.68 29.63
CA PHE A 154 -5.15 -12.81 28.37
C PHE A 154 -3.93 -13.73 28.46
N LEU A 155 -3.37 -13.94 29.65
CA LEU A 155 -2.23 -14.82 29.73
C LEU A 155 -2.63 -16.28 29.62
N GLU A 156 -3.83 -16.63 30.03
CA GLU A 156 -4.30 -18.00 29.92
C GLU A 156 -4.54 -18.37 28.46
N ARG A 157 -4.36 -19.65 28.15
CA ARG A 157 -4.90 -20.21 26.92
C ARG A 157 -6.28 -20.79 27.21
N MET A 158 -7.24 -20.48 26.37
CA MET A 158 -8.57 -20.96 26.61
C MET A 158 -8.76 -22.38 26.07
N PRO A 159 -9.65 -23.15 26.68
CA PRO A 159 -9.98 -24.47 26.12
C PRO A 159 -10.55 -24.33 24.72
N ARG A 160 -10.25 -25.34 23.91
CA ARG A 160 -10.73 -25.35 22.53
C ARG A 160 -12.25 -25.19 22.49
N GLU A 161 -12.97 -25.81 23.44
CA GLU A 161 -14.43 -25.70 23.45
C GLU A 161 -14.90 -24.24 23.54
N GLU A 162 -14.20 -23.41 24.32
CA GLU A 162 -14.53 -21.98 24.39
C GLU A 162 -14.22 -21.25 23.09
N ALA A 163 -13.11 -21.61 22.44
CA ALA A 163 -12.79 -21.01 21.15
C ALA A 163 -13.86 -21.33 20.12
N THR A 164 -14.37 -22.56 20.16
CA THR A 164 -15.49 -22.94 19.29
C THR A 164 -16.68 -22.01 19.49
N GLU A 165 -17.05 -21.72 20.76
CA GLU A 165 -18.24 -20.89 20.98
C GLU A 165 -18.01 -19.48 20.46
N ILE A 166 -16.78 -19.01 20.57
CA ILE A 166 -16.45 -17.66 20.10
C ILE A 166 -16.50 -17.60 18.58
N GLU A 167 -15.84 -18.54 17.90
CA GLU A 167 -15.87 -18.48 16.44
C GLU A 167 -17.28 -18.66 15.91
N GLN A 168 -18.10 -19.51 16.54
CA GLN A 168 -19.49 -19.66 16.16
C GLN A 168 -20.30 -18.39 16.42
N THR A 169 -20.00 -17.65 17.51
CA THR A 169 -20.67 -16.39 17.74
C THR A 169 -20.43 -15.44 16.55
N VAL A 170 -19.18 -15.36 16.10
CA VAL A 170 -18.84 -14.48 15.00
C VAL A 170 -19.48 -14.97 13.71
N GLN A 171 -19.38 -16.27 13.45
CA GLN A 171 -19.95 -16.82 12.23
C GLN A 171 -21.45 -16.55 12.13
N LYS A 172 -22.18 -16.82 13.22
CA LYS A 172 -23.62 -16.64 13.20
C LYS A 172 -24.00 -15.18 12.99
N ALA A 173 -23.23 -14.27 13.60
CA ALA A 173 -23.52 -12.85 13.46
C ALA A 173 -23.24 -12.39 12.05
N ALA A 174 -22.17 -12.90 11.43
CA ALA A 174 -21.84 -12.53 10.06
C ALA A 174 -22.87 -13.11 9.10
N GLN A 175 -23.20 -14.39 9.25
CA GLN A 175 -24.10 -15.01 8.28
C GLN A 175 -25.53 -14.49 8.40
N ALA A 176 -25.86 -13.81 9.51
CA ALA A 176 -27.16 -13.13 9.58
C ALA A 176 -27.25 -12.00 8.56
N PHE A 177 -26.11 -11.39 8.19
CA PHE A 177 -26.12 -10.33 7.18
C PHE A 177 -26.12 -10.89 5.77
N ASN A 178 -25.37 -11.96 5.53
CA ASN A 178 -25.37 -12.60 4.22
C ASN A 178 -25.06 -14.08 4.42
N SER A 179 -26.02 -14.94 4.09
CA SER A 179 -25.84 -16.36 4.39
C SER A 179 -24.75 -17.00 3.54
N GLY A 180 -24.29 -16.36 2.48
CA GLY A 180 -23.24 -16.93 1.64
C GLY A 180 -21.82 -16.69 2.09
N LEU A 181 -21.62 -15.92 3.17
CA LEU A 181 -20.28 -15.64 3.66
C LEU A 181 -19.62 -16.93 4.16
N LEU A 182 -18.32 -17.05 3.89
CA LEU A 182 -17.50 -18.09 4.48
C LEU A 182 -16.79 -17.50 5.68
N CYS A 183 -16.91 -18.17 6.82
CA CYS A 183 -16.29 -17.71 8.07
C CYS A 183 -15.46 -18.85 8.60
N VAL A 184 -14.14 -18.69 8.61
CA VAL A 184 -13.21 -19.78 8.88
C VAL A 184 -12.38 -19.41 10.08
N ALA A 185 -12.46 -20.23 11.14
CA ALA A 185 -11.57 -20.04 12.26
C ALA A 185 -10.15 -20.48 11.86
N CYS A 186 -9.17 -19.65 12.16
CA CYS A 186 -7.82 -19.89 11.69
C CYS A 186 -6.92 -20.06 12.91
N GLY A 187 -5.65 -19.66 12.79
CA GLY A 187 -4.68 -19.75 13.86
C GLY A 187 -4.60 -21.12 14.49
N SER A 188 -4.28 -21.13 15.77
CA SER A 188 -4.09 -22.40 16.47
C SER A 188 -5.38 -23.23 16.51
N TYR A 189 -6.55 -22.60 16.44
CA TYR A 189 -7.80 -23.37 16.38
C TYR A 189 -7.83 -24.26 15.14
N ARG A 190 -7.52 -23.69 13.98
CA ARG A 190 -7.55 -24.45 12.75
C ARG A 190 -6.49 -25.54 12.74
N ARG A 191 -5.34 -25.29 13.39
CA ARG A 191 -4.27 -26.29 13.49
C ARG A 191 -4.61 -27.40 14.51
N GLY A 192 -5.79 -27.34 15.12
CA GLY A 192 -6.27 -28.47 15.90
C GLY A 192 -5.86 -28.47 17.35
N LYS A 193 -5.35 -27.36 17.88
CA LYS A 193 -4.78 -27.38 19.22
C LYS A 193 -5.86 -27.48 20.28
N ALA A 194 -5.51 -28.08 21.40
CA ALA A 194 -6.45 -28.31 22.49
C ALA A 194 -6.70 -27.03 23.29
N THR A 195 -5.80 -26.06 23.21
CA THR A 195 -5.99 -24.74 23.83
C THR A 195 -5.54 -23.67 22.86
N CYS A 196 -6.13 -22.46 23.00
CA CYS A 196 -5.97 -21.36 22.06
C CYS A 196 -5.66 -20.08 22.82
N GLY A 197 -4.57 -19.39 22.43
CA GLY A 197 -4.26 -18.11 23.05
C GLY A 197 -5.30 -17.03 22.76
N ASP A 198 -5.98 -17.15 21.62
CA ASP A 198 -7.01 -16.21 21.18
C ASP A 198 -7.80 -16.91 20.08
N VAL A 199 -8.76 -16.19 19.50
CA VAL A 199 -9.53 -16.73 18.39
C VAL A 199 -9.28 -15.85 17.17
N ASP A 200 -8.99 -16.50 16.04
CA ASP A 200 -8.72 -15.86 14.76
C ASP A 200 -9.81 -16.26 13.78
N VAL A 201 -10.48 -15.28 13.16
CA VAL A 201 -11.57 -15.57 12.22
C VAL A 201 -11.33 -14.83 10.91
N LEU A 202 -11.42 -15.57 9.79
CA LEU A 202 -11.29 -15.06 8.43
C LEU A 202 -12.64 -15.09 7.74
N ILE A 203 -13.01 -14.01 7.08
CA ILE A 203 -14.31 -13.92 6.40
C ILE A 203 -14.12 -13.52 4.95
N THR A 204 -14.84 -14.18 4.04
CA THR A 204 -14.88 -13.79 2.64
C THR A 204 -16.23 -14.18 2.04
N HIS A 205 -16.41 -13.89 0.76
CA HIS A 205 -17.63 -14.31 0.07
C HIS A 205 -17.25 -14.77 -1.34
N PRO A 206 -17.72 -15.94 -1.76
CA PRO A 206 -17.30 -16.44 -3.09
C PRO A 206 -17.79 -15.62 -4.27
N ASP A 207 -18.73 -14.70 -4.13
CA ASP A 207 -19.15 -13.97 -5.32
C ASP A 207 -18.21 -12.80 -5.64
N GLY A 208 -17.17 -12.59 -4.81
CA GLY A 208 -16.16 -11.61 -5.09
C GLY A 208 -16.49 -10.20 -4.67
N ARG A 209 -17.71 -9.94 -4.17
CA ARG A 209 -18.14 -8.58 -3.90
C ARG A 209 -18.85 -8.44 -2.56
N SER A 210 -19.55 -9.47 -2.12
CA SER A 210 -20.49 -9.32 -1.02
C SER A 210 -19.82 -9.34 0.36
N HIS A 211 -18.50 -9.50 0.43
CA HIS A 211 -17.77 -9.23 1.67
C HIS A 211 -17.72 -7.75 2.00
N ARG A 212 -17.92 -6.89 0.99
CA ARG A 212 -17.82 -5.45 1.19
C ARG A 212 -18.91 -4.96 2.14
N GLY A 213 -18.51 -4.16 3.13
CA GLY A 213 -19.44 -3.60 4.08
C GLY A 213 -19.67 -4.45 5.30
N ILE A 214 -19.33 -5.73 5.25
CA ILE A 214 -19.67 -6.65 6.34
C ILE A 214 -18.85 -6.32 7.59
N PHE A 215 -17.59 -5.95 7.40
CA PHE A 215 -16.70 -5.65 8.51
C PHE A 215 -17.35 -4.70 9.51
N SER A 216 -17.73 -3.49 9.07
CA SER A 216 -18.27 -2.53 10.03
C SER A 216 -19.64 -2.95 10.56
N ARG A 217 -20.48 -3.56 9.71
CA ARG A 217 -21.78 -4.02 10.18
C ARG A 217 -21.61 -5.10 11.26
N LEU A 218 -20.66 -6.00 11.05
CA LEU A 218 -20.41 -7.09 11.99
C LEU A 218 -19.90 -6.56 13.32
N LEU A 219 -18.90 -5.68 13.29
CA LEU A 219 -18.36 -5.16 14.55
C LEU A 219 -19.44 -4.40 15.32
N ASP A 220 -20.24 -3.60 14.63
CA ASP A 220 -21.32 -2.87 15.29
C ASP A 220 -22.35 -3.81 15.91
N SER A 221 -22.71 -4.88 15.21
CA SER A 221 -23.66 -5.84 15.77
C SER A 221 -23.09 -6.53 17.01
N LEU A 222 -21.83 -6.96 16.96
CA LEU A 222 -21.24 -7.66 18.10
C LEU A 222 -21.03 -6.72 19.28
N ARG A 223 -20.73 -5.45 19.00
N ARG A 223 -20.74 -5.45 19.01
CA ARG A 223 -20.64 -4.43 20.05
CA ARG A 223 -20.64 -4.46 20.08
C ARG A 223 -21.99 -4.22 20.72
C ARG A 223 -22.00 -4.23 20.73
N GLN A 224 -23.06 -4.15 19.93
CA GLN A 224 -24.38 -3.84 20.48
C GLN A 224 -24.87 -4.98 21.37
N GLU A 225 -24.50 -6.21 21.07
CA GLU A 225 -24.87 -7.34 21.92
C GLU A 225 -23.99 -7.47 23.15
N GLY A 226 -22.99 -6.62 23.31
CA GLY A 226 -22.09 -6.73 24.44
C GLY A 226 -21.00 -7.78 24.30
N PHE A 227 -20.86 -8.39 23.12
CA PHE A 227 -19.85 -9.44 22.92
C PHE A 227 -18.46 -8.86 22.77
N LEU A 228 -18.31 -7.75 22.05
CA LEU A 228 -17.04 -7.05 21.99
C LEU A 228 -17.00 -6.07 23.15
N THR A 229 -15.90 -6.07 23.89
CA THR A 229 -15.78 -5.23 25.07
C THR A 229 -14.73 -4.12 24.96
N ASP A 230 -13.77 -4.24 24.04
CA ASP A 230 -12.67 -3.29 23.93
C ASP A 230 -12.07 -3.48 22.53
N ASP A 231 -11.59 -2.40 21.92
CA ASP A 231 -10.96 -2.47 20.61
C ASP A 231 -9.47 -2.13 20.74
N LEU A 232 -8.60 -2.85 20.04
CA LEU A 232 -7.18 -2.59 20.12
C LEU A 232 -6.61 -2.00 18.83
N VAL A 233 -6.95 -2.58 17.71
CA VAL A 233 -6.46 -2.15 16.41
C VAL A 233 -7.59 -2.28 15.40
N SER A 234 -7.77 -1.28 14.56
CA SER A 234 -8.76 -1.44 13.49
C SER A 234 -8.15 -0.95 12.20
N GLN A 235 -8.28 -1.75 11.16
CA GLN A 235 -7.86 -1.38 9.82
C GLN A 235 -9.11 -1.55 8.93
N GLU A 236 -9.83 -0.45 8.75
CA GLU A 236 -11.19 -0.44 8.23
C GLU A 236 -11.27 -0.13 6.76
N GLU A 237 -10.27 0.57 6.22
CA GLU A 237 -10.38 1.25 4.95
C GLU A 237 -9.16 1.17 4.07
N ASN A 238 -8.10 0.48 4.50
CA ASN A 238 -6.84 0.42 3.78
C ASN A 238 -6.86 -0.80 2.86
N GLY A 239 -7.09 -0.57 1.57
CA GLY A 239 -6.91 -1.66 0.63
C GLY A 239 -8.01 -2.71 0.72
N GLN A 240 -7.66 -3.93 0.32
CA GLN A 240 -8.67 -4.94 0.08
C GLN A 240 -8.99 -5.73 1.33
N GLN A 241 -8.05 -5.82 2.26
CA GLN A 241 -8.23 -6.61 3.48
C GLN A 241 -8.47 -5.69 4.66
N GLN A 242 -9.42 -6.07 5.51
CA GLN A 242 -9.76 -5.33 6.71
C GLN A 242 -9.40 -6.18 7.91
N LYS A 243 -8.93 -5.54 8.98
CA LYS A 243 -8.44 -6.26 10.14
C LYS A 243 -8.91 -5.57 11.41
N TYR A 244 -9.40 -6.39 12.33
CA TYR A 244 -9.84 -5.97 13.65
C TYR A 244 -9.13 -6.83 14.69
N LEU A 245 -8.49 -6.18 15.66
CA LEU A 245 -7.93 -6.86 16.82
C LEU A 245 -8.61 -6.25 18.03
N GLY A 246 -9.24 -7.09 18.84
CA GLY A 246 -9.95 -6.59 20.01
C GLY A 246 -10.18 -7.64 21.06
N VAL A 247 -11.23 -7.42 21.84
CA VAL A 247 -11.50 -8.17 23.05
C VAL A 247 -12.98 -8.56 23.07
N CYS A 248 -13.25 -9.82 23.39
CA CYS A 248 -14.63 -10.30 23.45
C CYS A 248 -14.86 -11.04 24.76
N ARG A 249 -16.14 -11.34 25.00
CA ARG A 249 -16.51 -12.08 26.19
C ARG A 249 -17.82 -12.78 25.93
N LEU A 250 -17.84 -14.09 26.11
CA LEU A 250 -19.07 -14.83 25.92
C LEU A 250 -20.12 -14.43 26.96
N PRO A 251 -21.39 -14.54 26.63
CA PRO A 251 -22.43 -14.25 27.62
C PRO A 251 -22.51 -15.37 28.64
N GLY A 252 -23.11 -15.05 29.77
CA GLY A 252 -23.27 -16.04 30.81
C GLY A 252 -22.30 -15.89 31.97
N PRO A 253 -22.62 -16.55 33.08
CA PRO A 253 -21.87 -16.30 34.32
C PRO A 253 -20.43 -16.79 34.26
N GLY A 254 -19.53 -15.96 34.78
CA GLY A 254 -18.16 -16.36 35.03
C GLY A 254 -17.25 -16.34 33.82
N ARG A 255 -17.73 -15.90 32.66
CA ARG A 255 -16.91 -15.93 31.46
C ARG A 255 -15.81 -14.86 31.52
N ARG A 256 -14.66 -15.21 30.96
CA ARG A 256 -13.49 -14.35 30.91
C ARG A 256 -13.43 -13.56 29.60
N HIS A 257 -12.66 -12.49 29.62
CA HIS A 257 -12.36 -11.76 28.39
C HIS A 257 -11.27 -12.46 27.59
N ARG A 258 -11.42 -12.47 26.27
CA ARG A 258 -10.51 -13.18 25.39
C ARG A 258 -10.15 -12.28 24.20
N ARG A 259 -8.95 -12.47 23.67
CA ARG A 259 -8.53 -11.75 22.48
C ARG A 259 -9.19 -12.36 21.25
N LEU A 260 -9.62 -11.50 20.33
CA LEU A 260 -10.29 -11.89 19.10
C LEU A 260 -9.74 -11.08 17.95
N ASP A 261 -9.33 -11.76 16.88
CA ASP A 261 -8.82 -11.14 15.66
C ASP A 261 -9.76 -11.53 14.53
N ILE A 262 -10.20 -10.55 13.74
CA ILE A 262 -11.05 -10.81 12.57
C ILE A 262 -10.41 -10.14 11.36
N ILE A 263 -10.38 -10.87 10.24
CA ILE A 263 -9.92 -10.35 8.96
C ILE A 263 -10.97 -10.63 7.90
N VAL A 264 -11.26 -9.64 7.07
CA VAL A 264 -12.19 -9.76 5.95
C VAL A 264 -11.42 -9.50 4.67
N VAL A 265 -11.55 -10.41 3.70
CA VAL A 265 -10.75 -10.35 2.48
C VAL A 265 -11.62 -10.67 1.28
N PRO A 266 -11.24 -10.15 0.11
CA PRO A 266 -11.93 -10.57 -1.12
C PRO A 266 -11.57 -12.00 -1.48
N TYR A 267 -12.48 -12.63 -2.23
CA TYR A 267 -12.34 -14.05 -2.53
C TYR A 267 -11.03 -14.37 -3.24
N SER A 268 -10.59 -13.48 -4.15
CA SER A 268 -9.37 -13.76 -4.90
C SER A 268 -8.14 -13.85 -3.99
N GLU A 269 -8.19 -13.27 -2.79
CA GLU A 269 -7.09 -13.36 -1.82
C GLU A 269 -7.34 -14.40 -0.74
N PHE A 270 -8.41 -15.17 -0.86
CA PHE A 270 -8.82 -16.05 0.23
C PHE A 270 -7.75 -17.08 0.55
N ALA A 271 -7.18 -17.71 -0.49
CA ALA A 271 -6.19 -18.76 -0.25
C ALA A 271 -4.96 -18.23 0.49
N CYS A 272 -4.41 -17.10 0.03
CA CYS A 272 -3.23 -16.58 0.70
C CYS A 272 -3.55 -16.02 2.09
N ALA A 273 -4.73 -15.42 2.27
CA ALA A 273 -5.10 -14.97 3.61
C ALA A 273 -5.29 -16.16 4.56
N LEU A 274 -5.92 -17.24 4.09
CA LEU A 274 -6.10 -18.43 4.92
C LEU A 274 -4.76 -19.05 5.28
N LEU A 275 -3.86 -19.15 4.30
CA LEU A 275 -2.57 -19.74 4.57
C LEU A 275 -1.82 -18.92 5.62
N TYR A 276 -1.79 -17.60 5.44
CA TYR A 276 -1.17 -16.73 6.45
C TYR A 276 -1.82 -16.91 7.81
N PHE A 277 -3.14 -16.83 7.88
CA PHE A 277 -3.78 -16.70 9.20
C PHE A 277 -3.81 -18.05 9.91
N THR A 278 -3.67 -19.16 9.18
CA THR A 278 -3.55 -20.48 9.80
C THR A 278 -2.19 -20.68 10.45
N GLY A 279 -1.13 -20.12 9.84
CA GLY A 279 0.19 -20.21 10.44
C GLY A 279 0.67 -21.65 10.43
N SER A 280 1.52 -22.01 11.39
CA SER A 280 2.03 -21.17 12.46
C SER A 280 2.88 -20.02 11.95
N ALA A 281 3.25 -19.14 12.86
CA ALA A 281 4.13 -18.04 12.47
C ALA A 281 5.47 -18.54 11.94
N HIS A 282 6.09 -19.51 12.62
CA HIS A 282 7.36 -20.04 12.11
C HIS A 282 7.17 -20.75 10.77
N PHE A 283 6.04 -21.42 10.58
CA PHE A 283 5.76 -22.04 9.30
C PHE A 283 5.70 -21.01 8.20
N ASN A 284 5.00 -19.90 8.46
CA ASN A 284 4.86 -18.83 7.47
C ASN A 284 6.22 -18.24 7.11
N ARG A 285 7.05 -17.96 8.12
CA ARG A 285 8.36 -17.38 7.85
C ARG A 285 9.21 -18.32 7.02
N SER A 286 9.14 -19.62 7.30
CA SER A 286 9.86 -20.61 6.48
C SER A 286 9.32 -20.61 5.04
N MET A 287 8.00 -20.66 4.88
CA MET A 287 7.44 -20.74 3.54
C MET A 287 7.73 -19.47 2.74
N ARG A 288 7.71 -18.31 3.40
CA ARG A 288 8.00 -17.06 2.69
C ARG A 288 9.47 -16.97 2.29
N ALA A 289 10.36 -17.41 3.17
CA ALA A 289 11.78 -17.43 2.82
C ALA A 289 12.04 -18.38 1.66
N LEU A 290 11.37 -19.52 1.65
CA LEU A 290 11.50 -20.45 0.53
C LEU A 290 11.02 -19.82 -0.77
N ALA A 291 9.85 -19.17 -0.74
CA ALA A 291 9.35 -18.48 -1.92
C ALA A 291 10.39 -17.50 -2.47
N LYS A 292 11.02 -16.74 -1.58
CA LYS A 292 12.02 -15.77 -2.00
C LYS A 292 13.20 -16.44 -2.70
N THR A 293 13.61 -17.64 -2.25
CA THR A 293 14.73 -18.32 -2.92
C THR A 293 14.33 -18.83 -4.29
N LYS A 294 13.03 -18.96 -4.56
CA LYS A 294 12.55 -19.42 -5.85
C LYS A 294 12.11 -18.28 -6.75
N GLY A 295 12.53 -17.06 -6.46
CA GLY A 295 12.19 -15.94 -7.32
C GLY A 295 10.74 -15.50 -7.21
N MET A 296 10.12 -15.72 -6.06
CA MET A 296 8.74 -15.36 -5.79
C MET A 296 8.67 -14.55 -4.50
N SER A 297 7.46 -14.13 -4.14
CA SER A 297 7.21 -13.39 -2.90
C SER A 297 5.85 -13.80 -2.39
N LEU A 298 5.74 -14.11 -1.10
CA LEU A 298 4.50 -14.60 -0.52
C LEU A 298 4.06 -13.67 0.62
N SER A 299 2.81 -13.23 0.55
CA SER A 299 2.23 -12.45 1.62
C SER A 299 0.82 -12.94 1.88
N GLU A 300 0.16 -12.26 2.80
CA GLU A 300 -1.24 -12.52 3.10
C GLU A 300 -2.15 -12.17 1.93
N HIS A 301 -1.65 -11.39 0.94
CA HIS A 301 -2.44 -10.99 -0.20
C HIS A 301 -2.30 -11.94 -1.39
N ALA A 302 -1.10 -12.43 -1.64
CA ALA A 302 -0.85 -13.18 -2.87
C ALA A 302 0.51 -13.86 -2.82
N LEU A 303 0.65 -14.86 -3.67
CA LEU A 303 1.93 -15.34 -4.16
C LEU A 303 2.22 -14.59 -5.46
N SER A 304 3.40 -13.98 -5.56
N SER A 304 3.40 -13.98 -5.55
CA SER A 304 3.73 -13.18 -6.72
CA SER A 304 3.76 -13.14 -6.67
C SER A 304 5.14 -13.50 -7.17
C SER A 304 5.14 -13.53 -7.18
N THR A 305 5.48 -13.05 -8.37
CA THR A 305 6.86 -13.09 -8.82
C THR A 305 7.70 -12.13 -7.96
N ALA A 306 9.02 -12.18 -8.13
CA ALA A 306 9.91 -11.46 -7.22
C ALA A 306 9.58 -9.97 -7.24
N VAL A 307 9.72 -9.33 -6.07
CA VAL A 307 9.49 -7.90 -6.03
C VAL A 307 10.47 -7.21 -6.98
N VAL A 308 10.05 -6.08 -7.54
CA VAL A 308 10.86 -5.32 -8.48
C VAL A 308 11.82 -4.44 -7.71
N ARG A 309 13.07 -4.38 -8.18
CA ARG A 309 14.12 -3.65 -7.52
C ARG A 309 14.84 -2.74 -8.51
N ASN A 310 15.61 -1.80 -7.98
CA ASN A 310 16.36 -0.85 -8.79
C ASN A 310 17.84 -1.25 -8.82
N THR A 311 18.64 -0.40 -9.47
CA THR A 311 20.07 -0.65 -9.67
C THR A 311 20.77 -0.93 -8.34
N HIS A 312 20.27 -0.38 -7.25
CA HIS A 312 20.94 -0.52 -5.96
C HIS A 312 20.45 -1.71 -5.13
N GLY A 313 19.44 -2.45 -5.59
CA GLY A 313 18.86 -3.51 -4.79
C GLY A 313 17.62 -3.13 -4.02
N CYS A 314 17.17 -1.88 -4.12
CA CYS A 314 16.03 -1.43 -3.33
C CYS A 314 14.72 -1.86 -3.97
N LYS A 315 13.82 -2.42 -3.15
CA LYS A 315 12.47 -2.70 -3.63
C LYS A 315 11.80 -1.41 -4.06
N VAL A 316 11.25 -1.42 -5.28
CA VAL A 316 10.54 -0.28 -5.82
C VAL A 316 9.09 -0.60 -6.18
N GLY A 317 8.70 -1.87 -6.22
CA GLY A 317 7.34 -2.22 -6.56
C GLY A 317 7.04 -3.69 -6.38
N PRO A 318 5.75 -4.04 -6.37
CA PRO A 318 5.38 -5.44 -6.22
C PRO A 318 5.70 -6.27 -7.46
N GLY A 319 5.79 -7.58 -7.24
CA GLY A 319 5.86 -8.51 -8.34
C GLY A 319 4.48 -8.75 -8.92
N ARG A 320 4.46 -9.58 -9.95
CA ARG A 320 3.20 -9.91 -10.61
C ARG A 320 2.50 -11.02 -9.86
N VAL A 321 1.20 -10.84 -9.62
CA VAL A 321 0.43 -11.82 -8.85
C VAL A 321 0.26 -13.11 -9.67
N LEU A 322 0.46 -14.26 -9.01
CA LEU A 322 0.13 -15.57 -9.57
C LEU A 322 -1.19 -16.05 -8.98
N PRO A 323 -2.24 -16.27 -9.75
CA PRO A 323 -3.52 -16.67 -9.13
C PRO A 323 -3.40 -17.98 -8.37
N THR A 324 -4.01 -17.99 -7.17
CA THR A 324 -4.02 -19.16 -6.30
C THR A 324 -5.42 -19.33 -5.72
N PRO A 325 -6.28 -20.12 -6.39
CA PRO A 325 -7.63 -20.33 -5.87
C PRO A 325 -7.68 -21.07 -4.54
N THR A 326 -6.74 -21.96 -4.27
CA THR A 326 -6.77 -22.69 -3.02
C THR A 326 -5.39 -22.67 -2.37
N GLU A 327 -5.37 -23.02 -1.08
CA GLU A 327 -4.11 -23.17 -0.37
C GLU A 327 -3.20 -24.16 -1.07
N LYS A 328 -3.77 -25.25 -1.55
CA LYS A 328 -3.02 -26.27 -2.26
C LYS A 328 -2.22 -25.68 -3.41
N ASP A 329 -2.80 -24.70 -4.12
CA ASP A 329 -2.12 -24.09 -5.25
C ASP A 329 -0.84 -23.38 -4.83
N VAL A 330 -0.83 -22.73 -3.65
CA VAL A 330 0.40 -22.10 -3.18
C VAL A 330 1.49 -23.14 -3.00
N PHE A 331 1.17 -24.23 -2.29
CA PHE A 331 2.14 -25.30 -2.12
C PHE A 331 2.61 -25.84 -3.47
N ARG A 332 1.68 -26.04 -4.40
CA ARG A 332 2.05 -26.60 -5.70
C ARG A 332 3.00 -25.67 -6.45
N LEU A 333 2.72 -24.37 -6.44
CA LEU A 333 3.58 -23.43 -7.15
C LEU A 333 4.95 -23.27 -6.49
N LEU A 334 5.05 -23.54 -5.20
CA LEU A 334 6.33 -23.52 -4.51
C LEU A 334 7.04 -24.86 -4.54
N GLY A 335 6.44 -25.89 -5.16
CA GLY A 335 7.03 -27.22 -5.15
C GLY A 335 7.14 -27.85 -3.79
N LEU A 336 6.19 -27.58 -2.89
CA LEU A 336 6.17 -28.10 -1.53
C LEU A 336 5.11 -29.16 -1.35
N PRO A 337 5.39 -30.26 -0.65
CA PRO A 337 4.33 -31.20 -0.30
C PRO A 337 3.23 -30.48 0.46
N TYR A 338 1.98 -30.77 0.10
CA TYR A 338 0.86 -30.16 0.82
C TYR A 338 0.85 -30.66 2.26
N ARG A 339 0.57 -29.74 3.18
CA ARG A 339 0.41 -30.05 4.60
C ARG A 339 -0.94 -29.59 5.10
N GLU A 340 -1.69 -30.50 5.72
CA GLU A 340 -2.90 -30.09 6.42
C GLU A 340 -2.54 -29.12 7.55
N PRO A 341 -3.50 -28.28 7.97
CA PRO A 341 -3.20 -27.29 9.02
C PRO A 341 -2.52 -27.88 10.27
N ALA A 342 -2.95 -29.06 10.73
CA ALA A 342 -2.37 -29.62 11.96
C ALA A 342 -0.90 -29.97 11.78
N GLU A 343 -0.44 -30.07 10.55
CA GLU A 343 0.94 -30.41 10.24
C GLU A 343 1.80 -29.16 9.99
N ARG A 344 1.22 -27.98 10.19
CA ARG A 344 1.92 -26.70 10.06
C ARG A 344 2.25 -26.11 11.43
N ASP A 345 2.20 -26.92 12.48
CA ASP A 345 2.28 -26.39 13.83
C ASP A 345 3.74 -26.29 14.30
N TRP A 346 4.49 -25.47 13.60
CA TRP A 346 5.92 -25.31 13.92
C TRP A 346 6.12 -24.20 14.93
N LEU E 7 16.21 35.06 -8.51
CA LEU E 7 15.37 34.09 -9.20
C LEU E 7 15.19 32.80 -8.37
N ASP E 8 13.97 32.52 -7.95
CA ASP E 8 13.72 31.35 -7.12
C ASP E 8 13.51 30.11 -7.98
N LYS E 9 14.12 29.01 -7.55
CA LYS E 9 14.22 27.78 -8.34
C LYS E 9 12.93 26.95 -8.32
N TRP E 10 11.96 27.27 -7.46
CA TRP E 10 10.84 26.37 -7.17
C TRP E 10 9.56 26.90 -7.79
N VAL E 11 9.00 26.22 -8.81
CA VAL E 11 7.78 26.76 -9.40
C VAL E 11 6.63 26.74 -8.41
N CYS E 12 6.62 25.80 -7.45
CA CYS E 12 5.51 25.74 -6.52
C CYS E 12 5.49 26.93 -5.56
N ALA E 13 6.55 27.73 -5.54
CA ALA E 13 6.63 28.91 -4.67
C ALA E 13 6.19 30.17 -5.39
N GLN E 14 5.71 30.05 -6.62
CA GLN E 14 5.44 31.17 -7.51
C GLN E 14 4.08 31.03 -8.19
N PRO E 15 3.40 32.14 -8.44
CA PRO E 15 2.10 32.08 -9.10
C PRO E 15 2.25 31.87 -10.60
N SER E 16 1.45 30.94 -11.14
CA SER E 16 1.55 30.63 -12.57
C SER E 16 1.07 31.78 -13.44
N SER E 17 0.40 32.79 -12.86
CA SER E 17 0.06 34.00 -13.60
C SER E 17 1.29 34.74 -14.09
N GLN E 18 2.48 34.41 -13.59
CA GLN E 18 3.70 34.92 -14.18
C GLN E 18 3.79 34.60 -15.66
N LYS E 19 3.09 33.57 -16.12
CA LYS E 19 3.12 33.18 -17.52
C LYS E 19 2.06 33.87 -18.37
N ALA E 20 1.20 34.69 -17.75
CA ALA E 20 0.09 35.31 -18.47
C ALA E 20 0.57 36.15 -19.64
N THR E 21 1.64 36.92 -19.44
CA THR E 21 2.32 37.64 -20.52
C THR E 21 3.63 36.92 -20.78
N ASN E 22 3.68 36.20 -21.90
CA ASN E 22 4.88 35.51 -22.31
C ASN E 22 5.70 36.43 -23.23
N HIS E 23 6.70 37.09 -22.65
CA HIS E 23 7.60 37.95 -23.41
C HIS E 23 8.52 37.16 -24.35
N ASN E 24 8.47 35.83 -24.30
CA ASN E 24 9.39 34.99 -25.04
C ASN E 24 8.66 33.99 -25.93
N LEU E 25 7.47 34.38 -26.40
CA LEU E 25 6.67 33.48 -27.24
C LEU E 25 7.40 33.15 -28.54
N HIS E 26 8.12 34.11 -29.11
CA HIS E 26 8.89 33.85 -30.31
C HIS E 26 9.94 32.77 -30.10
N ILE E 27 10.30 32.50 -28.84
CA ILE E 27 11.19 31.38 -28.52
C ILE E 27 10.42 30.13 -28.16
N THR E 28 9.41 30.22 -27.29
CA THR E 28 8.83 29.02 -26.73
C THR E 28 8.00 28.23 -27.74
N GLU E 29 7.40 28.88 -28.74
N GLU E 29 7.37 28.89 -28.71
CA GLU E 29 6.64 28.09 -29.71
CA GLU E 29 6.67 28.15 -29.76
C GLU E 29 7.55 27.21 -30.57
C GLU E 29 7.61 27.16 -30.43
N LYS E 30 8.82 27.59 -30.74
CA LYS E 30 9.77 26.74 -31.43
C LYS E 30 10.29 25.63 -30.52
N LEU E 31 10.55 25.94 -29.25
CA LEU E 31 11.03 24.89 -28.35
C LEU E 31 9.96 23.84 -28.11
N GLU E 32 8.67 24.22 -28.17
CA GLU E 32 7.62 23.25 -27.90
C GLU E 32 7.58 22.17 -28.96
N VAL E 33 7.93 22.49 -30.21
CA VAL E 33 7.94 21.50 -31.28
C VAL E 33 8.99 20.44 -30.98
N LEU E 34 10.18 20.88 -30.56
CA LEU E 34 11.24 19.91 -30.24
C LEU E 34 10.87 19.11 -29.00
N ALA E 35 10.30 19.77 -27.99
CA ALA E 35 9.88 19.08 -26.78
C ALA E 35 8.95 17.93 -27.11
N LYS E 36 7.97 18.19 -27.99
CA LYS E 36 6.98 17.17 -28.30
C LYS E 36 7.62 16.01 -29.08
N ALA E 37 8.55 16.33 -29.99
CA ALA E 37 9.29 15.29 -30.71
C ALA E 37 10.00 14.37 -29.74
N TYR E 38 10.78 14.92 -28.81
CA TYR E 38 11.48 14.06 -27.85
C TYR E 38 10.48 13.23 -27.05
N SER E 39 9.36 13.84 -26.65
CA SER E 39 8.38 13.14 -25.86
C SER E 39 7.83 11.91 -26.59
N VAL E 40 7.41 12.08 -27.86
CA VAL E 40 6.78 10.95 -28.53
C VAL E 40 7.82 9.91 -28.92
N GLN E 41 9.09 10.29 -28.99
CA GLN E 41 10.15 9.33 -29.23
C GLN E 41 10.55 8.57 -27.96
N GLY E 42 9.98 8.91 -26.81
CA GLY E 42 10.28 8.22 -25.58
C GLY E 42 11.44 8.79 -24.79
N ASP E 43 12.02 9.93 -25.21
CA ASP E 43 13.13 10.55 -24.46
C ASP E 43 12.54 11.43 -23.36
N LYS E 44 12.02 10.77 -22.34
CA LYS E 44 11.17 11.46 -21.40
C LYS E 44 11.94 12.44 -20.52
N TRP E 45 13.21 12.18 -20.20
CA TRP E 45 13.92 13.13 -19.35
C TRP E 45 14.34 14.36 -20.15
N ARG E 46 14.73 14.18 -21.41
CA ARG E 46 15.00 15.35 -22.23
C ARG E 46 13.74 16.19 -22.40
N ALA E 47 12.60 15.54 -22.64
CA ALA E 47 11.35 16.27 -22.78
C ALA E 47 11.00 17.02 -21.51
N LEU E 48 11.30 16.42 -20.36
CA LEU E 48 11.03 17.09 -19.10
C LEU E 48 11.89 18.34 -18.96
N GLY E 49 13.18 18.22 -19.30
CA GLY E 49 14.04 19.40 -19.30
C GLY E 49 13.51 20.51 -20.18
N TYR E 50 13.03 20.16 -21.38
CA TYR E 50 12.42 21.15 -22.25
C TYR E 50 11.20 21.79 -21.59
N ALA E 51 10.34 20.98 -20.99
CA ALA E 51 9.12 21.53 -20.41
C ALA E 51 9.43 22.53 -19.31
N LYS E 52 10.46 22.25 -18.51
CA LYS E 52 10.79 23.17 -17.43
C LYS E 52 11.45 24.44 -17.98
N ALA E 53 12.25 24.32 -19.04
CA ALA E 53 12.83 25.51 -19.66
C ALA E 53 11.76 26.38 -20.28
N ILE E 54 10.78 25.75 -20.93
CA ILE E 54 9.68 26.51 -21.51
C ILE E 54 8.89 27.24 -20.43
N ASN E 55 8.60 26.58 -19.31
CA ASN E 55 7.93 27.30 -18.22
C ASN E 55 8.80 28.45 -17.70
N ALA E 56 10.12 28.25 -17.63
CA ALA E 56 10.97 29.33 -17.15
C ALA E 56 10.92 30.52 -18.09
N LEU E 57 10.91 30.28 -19.39
CA LEU E 57 10.85 31.36 -20.37
C LEU E 57 9.50 32.06 -20.36
N LYS E 58 8.41 31.29 -20.22
CA LYS E 58 7.08 31.91 -20.14
C LYS E 58 6.96 32.77 -18.89
N SER E 59 7.57 32.30 -17.82
CA SER E 59 7.48 32.97 -16.53
C SER E 59 8.33 34.24 -16.46
N PHE E 60 9.43 34.31 -17.21
CA PHE E 60 10.40 35.36 -17.01
C PHE E 60 9.79 36.75 -17.25
N HIS E 61 10.20 37.70 -16.41
CA HIS E 61 9.53 38.99 -16.32
C HIS E 61 9.83 39.92 -17.48
N LYS E 62 10.66 39.50 -18.43
CA LYS E 62 11.04 40.33 -19.56
C LYS E 62 11.41 39.43 -20.71
N PRO E 63 11.58 39.98 -21.90
CA PRO E 63 12.21 39.22 -22.99
C PRO E 63 13.65 38.84 -22.61
N VAL E 64 14.04 37.60 -22.88
CA VAL E 64 15.45 37.23 -22.72
C VAL E 64 16.25 37.88 -23.84
N THR E 65 17.38 38.51 -23.49
CA THR E 65 18.13 39.30 -24.45
C THR E 65 19.57 38.86 -24.67
N SER E 66 20.09 37.92 -23.91
CA SER E 66 21.49 37.52 -24.08
C SER E 66 21.67 36.10 -23.57
N TYR E 67 22.73 35.46 -24.07
CA TYR E 67 23.08 34.12 -23.62
C TYR E 67 23.41 34.10 -22.14
N GLN E 68 24.15 35.10 -21.68
CA GLN E 68 24.49 35.17 -20.26
C GLN E 68 23.24 35.28 -19.40
N GLU E 69 22.28 36.11 -19.80
CA GLU E 69 21.03 36.22 -19.05
C GLU E 69 20.25 34.91 -19.07
N ALA E 70 20.15 34.28 -20.22
CA ALA E 70 19.50 32.99 -20.32
C ALA E 70 20.08 31.99 -19.33
N CYS E 71 21.42 31.91 -19.24
CA CYS E 71 22.07 30.95 -18.35
C CYS E 71 21.85 31.24 -16.87
N SER E 72 21.49 32.49 -16.54
CA SER E 72 21.19 32.85 -15.16
C SER E 72 19.83 32.37 -14.71
N ILE E 73 18.97 31.94 -15.62
CA ILE E 73 17.61 31.52 -15.30
C ILE E 73 17.61 30.05 -14.89
N PRO E 74 17.08 29.72 -13.71
CA PRO E 74 16.95 28.30 -13.35
C PRO E 74 16.14 27.54 -14.38
N GLY E 75 16.69 26.41 -14.82
CA GLY E 75 16.06 25.59 -15.84
C GLY E 75 16.58 25.83 -17.24
N ILE E 76 17.48 26.80 -17.42
CA ILE E 76 18.10 27.09 -18.71
C ILE E 76 19.60 26.92 -18.58
N GLY E 77 20.17 26.04 -19.41
CA GLY E 77 21.60 25.83 -19.47
C GLY E 77 22.18 26.25 -20.81
N LYS E 78 23.44 25.80 -21.03
CA LYS E 78 24.17 26.20 -22.24
C LYS E 78 23.43 25.77 -23.50
N ARG E 79 22.89 24.54 -23.54
CA ARG E 79 22.19 24.07 -24.73
C ARG E 79 20.95 24.91 -25.03
N MET E 80 20.12 25.19 -24.02
CA MET E 80 18.95 26.01 -24.27
C MET E 80 19.35 27.43 -24.66
N ALA E 81 20.36 27.98 -23.98
CA ALA E 81 20.80 29.32 -24.30
C ALA E 81 21.25 29.41 -25.75
N GLU E 82 21.98 28.40 -26.23
CA GLU E 82 22.40 28.37 -27.63
C GLU E 82 21.20 28.50 -28.56
N LYS E 83 20.13 27.76 -28.28
CA LYS E 83 18.95 27.78 -29.13
C LYS E 83 18.24 29.12 -29.04
N ILE E 84 18.14 29.66 -27.82
CA ILE E 84 17.54 30.98 -27.63
C ILE E 84 18.24 32.01 -28.48
N ILE E 85 19.57 32.04 -28.41
CA ILE E 85 20.31 33.04 -29.18
C ILE E 85 20.14 32.80 -30.68
N GLU E 86 20.13 31.53 -31.11
CA GLU E 86 19.93 31.27 -32.53
C GLU E 86 18.60 31.87 -33.00
N ILE E 87 17.54 31.72 -32.20
CA ILE E 87 16.22 32.24 -32.58
C ILE E 87 16.23 33.77 -32.58
N LEU E 88 16.88 34.40 -31.59
CA LEU E 88 16.94 35.85 -31.59
C LEU E 88 17.72 36.37 -32.79
N GLU E 89 18.82 35.69 -33.12
CA GLU E 89 19.66 36.21 -34.19
C GLU E 89 19.08 35.92 -35.58
N SER E 90 18.33 34.83 -35.74
CA SER E 90 17.90 34.40 -37.08
C SER E 90 16.39 34.35 -37.29
N GLY E 91 15.59 34.31 -36.22
CA GLY E 91 14.18 34.06 -36.37
C GLY E 91 13.79 32.61 -36.55
N HIS E 92 14.75 31.69 -36.45
CA HIS E 92 14.49 30.29 -36.76
C HIS E 92 15.36 29.42 -35.87
N LEU E 93 15.00 28.13 -35.82
CA LEU E 93 15.79 27.10 -35.15
C LEU E 93 16.01 25.95 -36.13
N ARG E 94 17.22 25.86 -36.68
CA ARG E 94 17.48 24.90 -37.74
C ARG E 94 17.23 23.46 -37.30
N LYS E 95 17.37 23.17 -36.00
CA LYS E 95 17.13 21.80 -35.55
C LYS E 95 15.71 21.35 -35.87
N LEU E 96 14.76 22.28 -35.95
CA LEU E 96 13.41 21.91 -36.31
C LEU E 96 13.34 21.29 -37.71
N ASP E 97 14.26 21.68 -38.61
CA ASP E 97 14.25 21.12 -39.96
C ASP E 97 14.75 19.69 -40.03
N HIS E 98 15.21 19.10 -38.91
CA HIS E 98 15.83 17.78 -38.97
C HIS E 98 15.11 16.76 -38.09
N ILE E 99 13.87 17.05 -37.71
CA ILE E 99 13.06 16.12 -36.93
C ILE E 99 12.71 14.91 -37.78
N SER E 100 12.88 13.71 -37.21
N SER E 100 12.89 13.71 -37.21
CA SER E 100 12.61 12.49 -37.94
CA SER E 100 12.60 12.48 -37.93
C SER E 100 11.20 12.49 -38.54
C SER E 100 11.20 12.50 -38.54
N GLU E 101 11.09 11.94 -39.75
CA GLU E 101 9.79 11.82 -40.40
C GLU E 101 8.87 10.85 -39.68
N SER E 102 9.39 10.04 -38.76
CA SER E 102 8.56 9.16 -37.96
C SER E 102 7.78 9.88 -36.87
N VAL E 103 8.20 11.09 -36.49
CA VAL E 103 7.60 11.73 -35.32
C VAL E 103 6.09 11.95 -35.46
N PRO E 104 5.57 12.45 -36.57
CA PRO E 104 4.10 12.59 -36.64
C PRO E 104 3.36 11.26 -36.46
N VAL E 105 3.90 10.16 -36.97
CA VAL E 105 3.23 8.87 -36.79
C VAL E 105 3.32 8.41 -35.35
N LEU E 106 4.49 8.58 -34.73
CA LEU E 106 4.63 8.23 -33.32
C LEU E 106 3.69 9.05 -32.45
N GLU E 107 3.46 10.30 -32.80
CA GLU E 107 2.49 11.14 -32.08
C GLU E 107 1.08 10.62 -32.28
N LEU E 108 0.72 10.31 -33.52
CA LEU E 108 -0.57 9.74 -33.82
C LEU E 108 -0.83 8.50 -32.95
N PHE E 109 0.13 7.58 -32.92
CA PHE E 109 -0.09 6.33 -32.19
C PHE E 109 -0.14 6.56 -30.69
N SER E 110 0.74 7.38 -30.14
CA SER E 110 0.67 7.61 -28.69
C SER E 110 -0.46 8.55 -28.28
N ASN E 111 -1.22 9.10 -29.25
CA ASN E 111 -2.46 9.79 -28.93
C ASN E 111 -3.60 8.82 -28.60
N ILE E 112 -3.41 7.53 -28.82
CA ILE E 112 -4.37 6.53 -28.37
C ILE E 112 -4.18 6.33 -26.88
N TRP E 113 -5.28 6.47 -26.11
CA TRP E 113 -5.23 6.22 -24.67
C TRP E 113 -4.87 4.76 -24.42
N GLY E 114 -3.80 4.54 -23.64
CA GLY E 114 -3.30 3.20 -23.35
C GLY E 114 -2.10 2.77 -24.18
N ALA E 115 -1.76 3.52 -25.23
CA ALA E 115 -0.57 3.27 -26.02
C ALA E 115 0.43 4.39 -25.75
N GLY E 116 1.59 4.01 -25.22
CA GLY E 116 2.69 4.94 -24.98
C GLY E 116 3.75 4.85 -26.05
N THR E 117 4.94 5.36 -25.71
N THR E 117 4.95 5.33 -25.71
CA THR E 117 6.02 5.43 -26.69
CA THR E 117 6.00 5.43 -26.73
C THR E 117 6.48 4.05 -27.15
C THR E 117 6.56 4.08 -27.12
N LYS E 118 6.53 3.08 -26.22
CA LYS E 118 7.04 1.76 -26.59
C LYS E 118 6.09 1.07 -27.57
N THR E 119 4.79 1.17 -27.33
CA THR E 119 3.83 0.59 -28.25
C THR E 119 3.86 1.32 -29.59
N ALA E 120 3.91 2.66 -29.58
CA ALA E 120 4.03 3.40 -30.83
C ALA E 120 5.24 2.97 -31.63
N GLN E 121 6.40 2.81 -30.98
N GLN E 121 6.39 2.81 -30.97
CA GLN E 121 7.60 2.33 -31.66
CA GLN E 121 7.61 2.35 -31.65
C GLN E 121 7.41 0.94 -32.24
C GLN E 121 7.45 0.94 -32.21
N MET E 122 6.82 0.03 -31.46
CA MET E 122 6.63 -1.33 -31.94
C MET E 122 5.77 -1.34 -33.19
N TRP E 123 4.65 -0.60 -33.15
CA TRP E 123 3.79 -0.53 -34.31
C TRP E 123 4.53 0.07 -35.49
N TYR E 124 5.32 1.12 -35.25
CA TYR E 124 6.05 1.75 -36.34
C TYR E 124 6.99 0.75 -36.98
N GLN E 125 7.67 -0.05 -36.17
CA GLN E 125 8.62 -1.05 -36.68
C GLN E 125 7.92 -2.20 -37.39
N GLN E 126 6.66 -2.44 -37.09
CA GLN E 126 5.88 -3.41 -37.82
C GLN E 126 5.43 -2.90 -39.19
N GLY E 127 5.69 -1.62 -39.48
CA GLY E 127 5.28 -1.03 -40.75
C GLY E 127 4.01 -0.21 -40.71
N PHE E 128 3.34 -0.11 -39.57
CA PHE E 128 2.07 0.60 -39.49
C PHE E 128 2.32 2.09 -39.54
N ARG E 129 1.39 2.81 -40.17
CA ARG E 129 1.55 4.25 -40.35
C ARG E 129 0.29 5.05 -40.08
N SER E 130 -0.88 4.45 -40.09
CA SER E 130 -2.14 5.17 -39.95
C SER E 130 -3.00 4.49 -38.88
N LEU E 131 -4.01 5.22 -38.43
CA LEU E 131 -4.94 4.63 -37.47
C LEU E 131 -5.71 3.48 -38.08
N GLU E 132 -5.98 3.52 -39.39
CA GLU E 132 -6.61 2.37 -40.02
C GLU E 132 -5.70 1.16 -40.04
N ASP E 133 -4.39 1.36 -40.16
CA ASP E 133 -3.47 0.24 -40.02
C ASP E 133 -3.59 -0.38 -38.63
N ILE E 134 -3.67 0.47 -37.61
CA ILE E 134 -3.78 -0.04 -36.25
C ILE E 134 -5.09 -0.81 -36.08
N ARG E 135 -6.20 -0.20 -36.47
CA ARG E 135 -7.50 -0.87 -36.35
C ARG E 135 -7.50 -2.21 -37.03
N SER E 136 -6.95 -2.29 -38.23
CA SER E 136 -7.10 -3.48 -39.04
C SER E 136 -6.08 -4.56 -38.72
N GLN E 137 -4.88 -4.20 -38.21
CA GLN E 137 -3.80 -5.17 -38.16
C GLN E 137 -3.09 -5.26 -36.82
N ALA E 138 -3.17 -4.24 -35.97
CA ALA E 138 -2.38 -4.20 -34.76
C ALA E 138 -3.02 -5.02 -33.65
N SER E 139 -2.16 -5.60 -32.81
CA SER E 139 -2.61 -6.17 -31.56
C SER E 139 -2.87 -5.02 -30.59
N LEU E 140 -4.06 -5.01 -29.98
CA LEU E 140 -4.49 -3.94 -29.09
C LEU E 140 -4.90 -4.52 -27.74
N THR E 141 -4.47 -3.87 -26.67
CA THR E 141 -5.03 -4.19 -25.37
C THR E 141 -6.48 -3.74 -25.27
N THR E 142 -7.18 -4.26 -24.27
CA THR E 142 -8.53 -3.82 -23.99
C THR E 142 -8.62 -2.29 -23.86
N GLN E 143 -7.71 -1.70 -23.07
CA GLN E 143 -7.69 -0.24 -22.94
C GLN E 143 -7.45 0.45 -24.29
N GLN E 144 -6.45 -0.03 -25.06
CA GLN E 144 -6.10 0.63 -26.30
C GLN E 144 -7.26 0.55 -27.31
N ALA E 145 -8.03 -0.54 -27.30
CA ALA E 145 -9.17 -0.62 -28.21
C ALA E 145 -10.21 0.46 -27.89
N ILE E 146 -10.43 0.73 -26.60
CA ILE E 146 -11.33 1.82 -26.20
C ILE E 146 -10.72 3.16 -26.59
N GLY E 147 -9.43 3.35 -26.32
CA GLY E 147 -8.76 4.57 -26.74
C GLY E 147 -8.86 4.83 -28.23
N LEU E 148 -8.75 3.77 -29.03
CA LEU E 148 -8.77 3.94 -30.47
C LEU E 148 -10.18 4.27 -30.98
N LYS E 149 -11.19 3.57 -30.44
CA LYS E 149 -12.54 3.82 -30.96
C LYS E 149 -12.99 5.22 -30.60
N HIS E 150 -12.51 5.77 -29.50
CA HIS E 150 -12.86 7.13 -29.13
C HIS E 150 -11.74 8.13 -29.44
N TYR E 151 -10.85 7.80 -30.39
CA TYR E 151 -9.66 8.59 -30.61
C TYR E 151 -10.00 10.08 -30.76
N SER E 152 -10.94 10.39 -31.66
CA SER E 152 -11.18 11.78 -32.01
C SER E 152 -11.85 12.51 -30.87
N ASP E 153 -12.86 11.88 -30.26
CA ASP E 153 -13.52 12.46 -29.10
C ASP E 153 -12.53 12.78 -27.98
N PHE E 154 -11.61 11.85 -27.69
CA PHE E 154 -10.67 12.07 -26.59
C PHE E 154 -9.57 13.07 -26.92
N LEU E 155 -9.25 13.29 -28.18
CA LEU E 155 -8.17 14.23 -28.47
C LEU E 155 -8.64 15.67 -28.26
N GLU E 156 -9.93 15.95 -28.41
CA GLU E 156 -10.42 17.30 -28.18
C GLU E 156 -10.32 17.66 -26.71
N ARG E 157 -10.14 18.94 -26.46
CA ARG E 157 -10.38 19.48 -25.12
C ARG E 157 -11.81 19.99 -25.12
N MET E 158 -12.64 19.51 -24.21
CA MET E 158 -14.04 19.92 -24.22
C MET E 158 -14.18 21.33 -23.66
N PRO E 159 -15.22 22.05 -24.05
CA PRO E 159 -15.50 23.34 -23.44
C PRO E 159 -15.78 23.18 -21.96
N ARG E 160 -15.38 24.19 -21.19
CA ARG E 160 -15.63 24.15 -19.75
C ARG E 160 -17.11 23.89 -19.44
N GLU E 161 -18.02 24.44 -20.26
CA GLU E 161 -19.45 24.27 -19.98
C GLU E 161 -19.86 22.79 -19.98
N GLU E 162 -19.24 22.00 -20.85
CA GLU E 162 -19.53 20.56 -20.88
C GLU E 162 -18.94 19.85 -19.67
N ALA E 163 -17.73 20.27 -19.26
CA ALA E 163 -17.14 19.74 -18.04
C ALA E 163 -18.02 20.02 -16.83
N THR E 164 -18.63 21.20 -16.76
CA THR E 164 -19.59 21.50 -15.69
C THR E 164 -20.77 20.51 -15.71
N GLU E 165 -21.30 20.20 -16.88
CA GLU E 165 -22.43 19.28 -16.93
C GLU E 165 -22.05 17.90 -16.43
N ILE E 166 -20.84 17.45 -16.77
CA ILE E 166 -20.35 16.14 -16.36
C ILE E 166 -20.11 16.10 -14.84
N GLU E 167 -19.45 17.11 -14.29
CA GLU E 167 -19.19 17.06 -12.86
C GLU E 167 -20.49 17.18 -12.07
N GLN E 168 -21.44 17.96 -12.58
CA GLN E 168 -22.75 18.03 -11.94
C GLN E 168 -23.50 16.71 -12.03
N THR E 169 -23.34 15.99 -13.15
CA THR E 169 -23.96 14.68 -13.26
C THR E 169 -23.45 13.76 -12.16
N VAL E 170 -22.14 13.77 -11.92
CA VAL E 170 -21.57 12.90 -10.90
C VAL E 170 -21.99 13.34 -9.51
N GLN E 171 -21.96 14.66 -9.25
CA GLN E 171 -22.34 15.17 -7.94
C GLN E 171 -23.76 14.80 -7.59
N LYS E 172 -24.69 15.02 -8.53
CA LYS E 172 -26.09 14.74 -8.25
C LYS E 172 -26.32 13.26 -7.98
N ALA E 173 -25.63 12.39 -8.74
CA ALA E 173 -25.79 10.96 -8.55
C ALA E 173 -25.21 10.51 -7.21
N ALA E 174 -24.08 11.10 -6.79
CA ALA E 174 -23.51 10.74 -5.50
C ALA E 174 -24.37 11.25 -4.36
N GLN E 175 -24.80 12.51 -4.44
CA GLN E 175 -25.58 13.08 -3.35
C GLN E 175 -26.97 12.49 -3.26
N ALA E 176 -27.42 11.75 -4.28
CA ALA E 176 -28.66 11.00 -4.13
C ALA E 176 -28.49 9.86 -3.13
N PHE E 177 -27.27 9.36 -2.95
CA PHE E 177 -27.03 8.35 -1.93
C PHE E 177 -26.86 8.96 -0.55
N ASN E 178 -26.15 10.08 -0.45
CA ASN E 178 -25.96 10.74 0.84
C ASN E 178 -25.74 12.22 0.58
N SER E 179 -26.70 13.05 1.02
CA SER E 179 -26.68 14.48 0.73
C SER E 179 -25.48 15.21 1.33
N GLY E 180 -24.78 14.60 2.30
CA GLY E 180 -23.62 15.23 2.90
C GLY E 180 -22.30 15.02 2.20
N LEU E 181 -22.27 14.24 1.12
CA LEU E 181 -21.02 14.06 0.40
C LEU E 181 -20.54 15.37 -0.21
N LEU E 182 -19.23 15.60 -0.15
CA LEU E 182 -18.56 16.68 -0.86
C LEU E 182 -18.03 16.13 -2.16
N CYS E 183 -18.41 16.76 -3.28
CA CYS E 183 -18.04 16.36 -4.62
C CYS E 183 -17.37 17.55 -5.28
N VAL E 184 -16.07 17.46 -5.53
CA VAL E 184 -15.27 18.59 -5.98
C VAL E 184 -14.65 18.25 -7.33
N ALA E 185 -14.95 19.05 -8.34
CA ALA E 185 -14.26 18.90 -9.61
C ALA E 185 -12.84 19.43 -9.47
N CYS E 186 -11.86 18.65 -9.90
CA CYS E 186 -10.46 19.00 -9.70
C CYS E 186 -9.77 19.22 -11.04
N GLY E 187 -8.47 18.97 -11.12
CA GLY E 187 -7.79 19.06 -12.41
C GLY E 187 -7.89 20.45 -13.05
N SER E 188 -7.80 20.45 -14.37
CA SER E 188 -7.82 21.71 -15.12
C SER E 188 -9.13 22.47 -14.91
N TYR E 189 -10.23 21.79 -14.62
CA TYR E 189 -11.47 22.49 -14.32
C TYR E 189 -11.29 23.39 -13.10
N ARG E 190 -10.75 22.84 -12.01
CA ARG E 190 -10.61 23.61 -10.78
C ARG E 190 -9.60 24.74 -10.94
N ARG E 191 -8.61 24.56 -11.79
CA ARG E 191 -7.64 25.61 -12.10
C ARG E 191 -8.21 26.68 -13.02
N GLY E 192 -9.47 26.55 -13.42
CA GLY E 192 -10.14 27.63 -14.11
C GLY E 192 -10.02 27.64 -15.63
N LYS E 193 -9.53 26.57 -16.24
N LYS E 193 -9.52 26.57 -16.24
CA LYS E 193 -9.24 26.59 -17.67
CA LYS E 193 -9.24 26.62 -17.67
C LYS E 193 -10.53 26.63 -18.48
C LYS E 193 -10.54 26.65 -18.47
N ALA E 194 -10.46 27.26 -19.66
CA ALA E 194 -11.61 27.39 -20.52
C ALA E 194 -11.94 26.08 -21.23
N THR E 195 -10.98 25.19 -21.36
CA THR E 195 -11.17 23.87 -21.97
C THR E 195 -10.50 22.83 -21.09
N CYS E 196 -11.04 21.61 -21.13
CA CYS E 196 -10.62 20.51 -20.26
C CYS E 196 -10.41 19.23 -21.07
N GLY E 197 -9.26 18.60 -20.85
CA GLY E 197 -8.97 17.33 -21.51
C GLY E 197 -9.85 16.21 -21.04
N ASP E 198 -10.32 16.29 -19.80
CA ASP E 198 -11.19 15.28 -19.20
C ASP E 198 -11.81 15.92 -17.98
N VAL E 199 -12.59 15.15 -17.21
CA VAL E 199 -13.19 15.66 -15.98
C VAL E 199 -12.69 14.80 -14.82
N ASP E 200 -12.25 15.49 -13.78
CA ASP E 200 -11.68 14.91 -12.56
C ASP E 200 -12.59 15.28 -11.40
N VAL E 201 -13.09 14.27 -10.68
CA VAL E 201 -14.02 14.48 -9.56
C VAL E 201 -13.52 13.77 -8.31
N LEU E 202 -13.44 14.51 -7.21
CA LEU E 202 -13.03 14.01 -5.91
C LEU E 202 -14.22 14.01 -4.97
N ILE E 203 -14.42 12.90 -4.24
CA ILE E 203 -15.56 12.74 -3.34
C ILE E 203 -15.08 12.35 -1.95
N THR E 204 -15.66 12.97 -0.93
CA THR E 204 -15.41 12.58 0.46
C THR E 204 -16.66 12.90 1.28
N HIS E 205 -16.59 12.66 2.58
CA HIS E 205 -17.67 13.00 3.49
C HIS E 205 -17.05 13.52 4.79
N PRO E 206 -17.50 14.67 5.29
CA PRO E 206 -16.89 15.23 6.53
C PRO E 206 -17.07 14.39 7.79
N ASP E 207 -17.96 13.39 7.80
CA ASP E 207 -18.12 12.60 9.02
C ASP E 207 -17.11 11.48 9.15
N GLY E 208 -16.19 11.32 8.18
CA GLY E 208 -15.12 10.35 8.26
C GLY E 208 -15.48 8.93 7.93
N ARG E 209 -16.75 8.63 7.66
CA ARG E 209 -17.16 7.24 7.46
C ARG E 209 -18.11 7.07 6.29
N SER E 210 -18.93 8.07 5.99
CA SER E 210 -20.04 7.85 5.08
C SER E 210 -19.64 7.90 3.61
N HIS E 211 -18.37 8.14 3.28
CA HIS E 211 -17.89 7.86 1.95
C HIS E 211 -17.75 6.36 1.66
N ARG E 212 -17.70 5.53 2.70
CA ARG E 212 -17.44 4.12 2.49
C ARG E 212 -18.61 3.47 1.74
N GLY E 213 -18.30 2.70 0.70
CA GLY E 213 -19.33 2.05 -0.09
C GLY E 213 -19.89 2.91 -1.22
N ILE E 214 -19.58 4.20 -1.25
CA ILE E 214 -20.14 5.09 -2.26
C ILE E 214 -19.56 4.77 -3.64
N PHE E 215 -18.27 4.48 -3.70
CA PHE E 215 -17.56 4.23 -4.96
C PHE E 215 -18.30 3.20 -5.82
N SER E 216 -18.52 2.00 -5.30
CA SER E 216 -19.17 0.99 -6.14
C SER E 216 -20.64 1.35 -6.40
N ARG E 217 -21.35 1.89 -5.40
CA ARG E 217 -22.76 2.23 -5.61
C ARG E 217 -22.91 3.31 -6.70
N LEU E 218 -22.03 4.31 -6.66
CA LEU E 218 -22.06 5.39 -7.65
C LEU E 218 -21.75 4.89 -9.06
N LEU E 219 -20.67 4.11 -9.21
CA LEU E 219 -20.33 3.61 -10.54
C LEU E 219 -21.43 2.72 -11.08
N ASP E 220 -22.03 1.88 -10.23
CA ASP E 220 -23.11 1.02 -10.72
C ASP E 220 -24.32 1.83 -11.17
N SER E 221 -24.65 2.88 -10.43
CA SER E 221 -25.78 3.74 -10.81
C SER E 221 -25.49 4.49 -12.10
N LEU E 222 -24.29 5.06 -12.23
CA LEU E 222 -23.99 5.77 -13.47
C LEU E 222 -23.95 4.82 -14.66
N ARG E 223 -23.51 3.57 -14.45
N ARG E 223 -23.50 3.57 -14.46
CA ARG E 223 -23.45 2.59 -15.53
CA ARG E 223 -23.47 2.62 -15.56
C ARG E 223 -24.84 2.17 -15.95
C ARG E 223 -24.88 2.24 -15.98
N GLN E 224 -25.79 2.12 -15.01
CA GLN E 224 -27.16 1.72 -15.32
C GLN E 224 -27.93 2.83 -16.00
N GLU E 225 -27.61 4.08 -15.72
CA GLU E 225 -28.24 5.19 -16.42
C GLU E 225 -27.67 5.39 -17.82
N GLY E 226 -26.63 4.65 -18.16
CA GLY E 226 -26.00 4.78 -19.46
C GLY E 226 -24.97 5.89 -19.54
N PHE E 227 -24.67 6.56 -18.43
CA PHE E 227 -23.70 7.65 -18.43
C PHE E 227 -22.28 7.14 -18.59
N LEU E 228 -21.92 6.07 -17.88
CA LEU E 228 -20.61 5.46 -18.07
C LEU E 228 -20.74 4.47 -19.22
N THR E 229 -19.85 4.56 -20.20
CA THR E 229 -19.91 3.70 -21.38
C THR E 229 -18.79 2.67 -21.49
N ASP E 230 -17.66 2.87 -20.80
CA ASP E 230 -16.47 2.05 -20.94
C ASP E 230 -15.64 2.25 -19.68
N ASP E 231 -14.96 1.20 -19.19
CA ASP E 231 -14.10 1.29 -18.03
C ASP E 231 -12.64 1.08 -18.43
N LEU E 232 -11.72 1.81 -17.81
CA LEU E 232 -10.31 1.70 -18.15
C LEU E 232 -9.46 1.19 -17.01
N VAL E 233 -9.61 1.74 -15.82
CA VAL E 233 -8.79 1.39 -14.66
C VAL E 233 -9.62 1.49 -13.40
N SER E 234 -9.40 0.56 -12.48
CA SER E 234 -9.93 0.71 -11.12
C SER E 234 -8.85 0.39 -10.09
N GLN E 235 -8.64 1.30 -9.10
CA GLN E 235 -7.67 1.14 -8.01
C GLN E 235 -8.42 0.94 -6.71
N GLU E 236 -8.22 -0.21 -6.05
CA GLU E 236 -8.81 -0.44 -4.73
C GLU E 236 -7.79 -1.04 -3.76
N GLU E 237 -6.50 -0.94 -4.09
CA GLU E 237 -5.38 -1.36 -3.25
C GLU E 237 -4.34 -0.24 -3.23
N ASN E 238 -4.82 1.00 -3.07
CA ASN E 238 -3.98 2.19 -2.92
C ASN E 238 -4.38 2.86 -1.61
N GLY E 239 -4.01 2.24 -0.50
CA GLY E 239 -4.43 2.77 0.80
C GLY E 239 -5.94 2.92 0.89
N GLN E 240 -6.37 4.07 1.39
CA GLN E 240 -7.77 4.34 1.66
C GLN E 240 -8.49 5.01 0.49
N GLN E 241 -7.83 5.17 -0.65
CA GLN E 241 -8.36 5.93 -1.79
C GLN E 241 -8.76 4.97 -2.89
N GLN E 242 -9.96 5.16 -3.44
CA GLN E 242 -10.47 4.36 -4.54
C GLN E 242 -10.50 5.24 -5.79
N LYS E 243 -10.07 4.69 -6.91
CA LYS E 243 -9.89 5.48 -8.13
C LYS E 243 -10.54 4.76 -9.29
N TYR E 244 -11.32 5.50 -10.07
CA TYR E 244 -11.94 5.01 -11.30
C TYR E 244 -11.51 5.88 -12.46
N LEU E 245 -11.00 5.25 -13.53
CA LEU E 245 -10.72 5.94 -14.79
C LEU E 245 -11.60 5.29 -15.86
N GLY E 246 -12.39 6.09 -16.53
CA GLY E 246 -13.30 5.53 -17.50
C GLY E 246 -13.77 6.54 -18.51
N VAL E 247 -14.93 6.25 -19.07
CA VAL E 247 -15.47 6.96 -20.22
C VAL E 247 -16.94 7.26 -19.95
N CYS E 248 -17.33 8.52 -20.18
CA CYS E 248 -18.71 8.92 -19.98
C CYS E 248 -19.24 9.65 -21.20
N ARG E 249 -20.57 9.84 -21.19
CA ARG E 249 -21.25 10.53 -22.27
C ARG E 249 -22.54 11.11 -21.74
N LEU E 250 -22.71 12.40 -21.93
CA LEU E 250 -23.91 13.09 -21.50
C LEU E 250 -25.11 12.60 -22.31
N PRO E 251 -26.28 12.59 -21.70
CA PRO E 251 -27.47 12.19 -22.47
C PRO E 251 -27.84 13.25 -23.48
N GLY E 252 -28.64 12.85 -24.44
CA GLY E 252 -29.15 13.80 -25.41
C GLY E 252 -28.42 13.78 -26.73
N PRO E 253 -28.97 14.42 -27.75
CA PRO E 253 -28.48 14.18 -29.12
C PRO E 253 -27.10 14.78 -29.36
N GLY E 254 -26.26 14.01 -30.05
CA GLY E 254 -25.00 14.51 -30.56
C GLY E 254 -23.85 14.54 -29.58
N ARG E 255 -24.03 14.10 -28.33
CA ARG E 255 -22.97 14.26 -27.35
C ARG E 255 -21.84 13.25 -27.61
N ARG E 256 -20.62 13.69 -27.32
CA ARG E 256 -19.40 12.93 -27.50
C ARG E 256 -19.03 12.17 -26.23
N HIS E 257 -18.19 11.17 -26.40
CA HIS E 257 -17.59 10.47 -25.27
C HIS E 257 -16.42 11.25 -24.69
N ARG E 258 -16.28 11.21 -23.36
CA ARG E 258 -15.30 11.98 -22.64
C ARG E 258 -14.67 11.12 -21.56
N ARG E 259 -13.39 11.39 -21.29
CA ARG E 259 -12.71 10.73 -20.18
C ARG E 259 -13.14 11.32 -18.85
N LEU E 260 -13.34 10.43 -17.87
CA LEU E 260 -13.81 10.80 -16.54
C LEU E 260 -12.96 10.05 -15.53
N ASP E 261 -12.40 10.77 -14.57
CA ASP E 261 -11.65 10.19 -13.46
C ASP E 261 -12.37 10.55 -12.16
N ILE E 262 -12.62 9.54 -11.30
CA ILE E 262 -13.27 9.73 -10.01
C ILE E 262 -12.39 9.14 -8.91
N ILE E 263 -12.20 9.90 -7.84
CA ILE E 263 -11.50 9.41 -6.65
C ILE E 263 -12.37 9.63 -5.43
N VAL E 264 -12.45 8.61 -4.57
CA VAL E 264 -13.17 8.69 -3.30
C VAL E 264 -12.15 8.50 -2.19
N VAL E 265 -12.14 9.40 -1.22
CA VAL E 265 -11.14 9.39 -0.16
C VAL E 265 -11.82 9.67 1.19
N PRO E 266 -11.22 9.17 2.28
CA PRO E 266 -11.69 9.58 3.60
C PRO E 266 -11.37 11.04 3.89
N TYR E 267 -12.16 11.62 4.79
CA TYR E 267 -12.03 13.05 5.07
C TYR E 267 -10.64 13.42 5.55
N SER E 268 -9.97 12.54 6.32
CA SER E 268 -8.66 12.91 6.83
C SER E 268 -7.65 13.11 5.70
N GLU E 269 -7.88 12.53 4.52
CA GLU E 269 -6.98 12.64 3.40
C GLU E 269 -7.47 13.65 2.37
N PHE E 270 -8.55 14.35 2.67
CA PHE E 270 -9.19 15.21 1.68
C PHE E 270 -8.26 16.31 1.18
N ALA E 271 -7.58 17.01 2.09
CA ALA E 271 -6.74 18.12 1.67
C ALA E 271 -5.61 17.66 0.74
N CYS E 272 -4.91 16.57 1.09
CA CYS E 272 -3.82 16.12 0.23
C CYS E 272 -4.35 15.57 -1.08
N ALA E 273 -5.49 14.88 -1.06
CA ALA E 273 -6.06 14.37 -2.31
C ALA E 273 -6.49 15.53 -3.22
N LEU E 274 -7.08 16.56 -2.62
CA LEU E 274 -7.51 17.73 -3.39
C LEU E 274 -6.31 18.45 -3.99
N LEU E 275 -5.25 18.60 -3.19
CA LEU E 275 -4.04 19.24 -3.67
C LEU E 275 -3.44 18.47 -4.84
N TYR E 276 -3.31 17.17 -4.69
CA TYR E 276 -2.84 16.32 -5.79
C TYR E 276 -3.72 16.45 -7.02
N PHE E 277 -5.03 16.27 -6.83
CA PHE E 277 -5.91 16.11 -7.99
C PHE E 277 -6.10 17.45 -8.68
N THR E 278 -5.87 18.55 -7.97
CA THR E 278 -5.96 19.86 -8.61
C THR E 278 -4.75 20.16 -9.50
N GLY E 279 -3.56 19.69 -9.11
CA GLY E 279 -2.37 19.86 -9.93
C GLY E 279 -1.96 21.33 -10.00
N SER E 280 -1.27 21.71 -11.09
CA SER E 280 -0.94 20.87 -12.23
C SER E 280 0.02 19.76 -11.88
N ALA E 281 0.30 18.89 -12.86
CA ALA E 281 1.29 17.83 -12.63
C ALA E 281 2.68 18.39 -12.35
N HIS E 282 3.10 19.41 -13.11
CA HIS E 282 4.42 20.00 -12.85
C HIS E 282 4.45 20.68 -11.48
N PHE E 283 3.34 21.30 -11.09
CA PHE E 283 3.25 21.91 -9.78
C PHE E 283 3.41 20.85 -8.70
N ASN E 284 2.73 19.72 -8.85
CA ASN E 284 2.81 18.67 -7.86
C ASN E 284 4.24 18.14 -7.73
N ARG E 285 4.89 17.89 -8.86
CA ARG E 285 6.25 17.35 -8.83
C ARG E 285 7.21 18.33 -8.16
N SER E 286 7.02 19.62 -8.39
CA SER E 286 7.81 20.64 -7.70
C SER E 286 7.56 20.65 -6.20
N MET E 287 6.29 20.64 -5.80
CA MET E 287 5.98 20.69 -4.38
C MET E 287 6.48 19.44 -3.66
N ARG E 288 6.37 18.29 -4.32
CA ARG E 288 6.84 17.05 -3.71
C ARG E 288 8.36 17.06 -3.61
N ALA E 289 9.07 17.52 -4.65
CA ALA E 289 10.52 17.65 -4.53
C ALA E 289 10.91 18.60 -3.39
N LEU E 290 10.19 19.70 -3.24
CA LEU E 290 10.51 20.62 -2.14
C LEU E 290 10.29 19.95 -0.79
N ALA E 291 9.18 19.26 -0.63
CA ALA E 291 8.93 18.55 0.63
C ALA E 291 10.09 17.62 0.98
N LYS E 292 10.57 16.87 0.00
CA LYS E 292 11.70 15.96 0.23
C LYS E 292 12.95 16.69 0.70
N THR E 293 13.22 17.89 0.15
CA THR E 293 14.40 18.64 0.61
C THR E 293 14.24 19.12 2.05
N LYS E 294 13.01 19.20 2.55
CA LYS E 294 12.73 19.67 3.90
C LYS E 294 12.52 18.50 4.87
N GLY E 295 12.92 17.29 4.50
CA GLY E 295 12.80 16.15 5.41
C GLY E 295 11.40 15.62 5.54
N MET E 296 10.58 15.80 4.51
CA MET E 296 9.19 15.42 4.51
C MET E 296 8.92 14.60 3.25
N SER E 297 7.69 14.12 3.12
CA SER E 297 7.26 13.36 1.95
C SER E 297 5.82 13.75 1.67
N LEU E 298 5.52 14.08 0.42
CA LEU E 298 4.17 14.49 0.03
C LEU E 298 3.59 13.54 -1.01
N SER E 299 2.40 13.03 -0.72
CA SER E 299 1.62 12.28 -1.69
C SER E 299 0.17 12.70 -1.62
N GLU E 300 -0.62 12.09 -2.52
CA GLU E 300 -2.08 12.29 -2.51
C GLU E 300 -2.71 11.80 -1.21
N HIS E 301 -2.00 10.98 -0.42
CA HIS E 301 -2.54 10.48 0.83
C HIS E 301 -2.24 11.40 2.01
N ALA E 302 -1.06 12.02 2.02
CA ALA E 302 -0.64 12.74 3.21
C ALA E 302 0.64 13.49 2.95
N LEU E 303 0.85 14.51 3.78
CA LEU E 303 2.16 15.07 4.06
C LEU E 303 2.70 14.31 5.26
N SER E 304 3.90 13.75 5.14
CA SER E 304 4.50 12.95 6.20
C SER E 304 5.93 13.40 6.45
N THR E 305 6.48 12.93 7.56
CA THR E 305 7.93 13.03 7.75
C THR E 305 8.61 12.13 6.72
N ALA E 306 9.94 12.21 6.67
CA ALA E 306 10.67 11.53 5.59
C ALA E 306 10.45 10.03 5.65
N VAL E 307 10.39 9.39 4.48
CA VAL E 307 10.24 7.95 4.46
C VAL E 307 11.41 7.32 5.20
N VAL E 308 11.16 6.15 5.76
CA VAL E 308 12.16 5.42 6.53
C VAL E 308 13.03 4.63 5.57
N ARG E 309 14.35 4.69 5.76
CA ARG E 309 15.28 3.95 4.91
C ARG E 309 16.25 3.15 5.76
N ASN E 310 16.82 2.11 5.16
CA ASN E 310 17.80 1.27 5.83
C ASN E 310 19.21 1.77 5.53
N THR E 311 20.20 1.08 6.10
CA THR E 311 21.60 1.47 5.94
C THR E 311 22.04 1.51 4.48
N HIS E 312 21.36 0.76 3.60
CA HIS E 312 21.67 0.81 2.18
C HIS E 312 20.94 1.93 1.46
N GLY E 313 20.13 2.71 2.16
CA GLY E 313 19.40 3.82 1.54
C GLY E 313 18.10 3.44 0.89
N CYS E 314 17.65 2.19 1.03
CA CYS E 314 16.40 1.75 0.42
C CYS E 314 15.23 2.16 1.30
N LYS E 315 14.17 2.68 0.67
CA LYS E 315 12.94 2.94 1.40
C LYS E 315 12.39 1.62 1.94
N VAL E 316 12.17 1.56 3.25
CA VAL E 316 11.63 0.37 3.89
C VAL E 316 10.33 0.64 4.63
N GLY E 317 9.83 1.88 4.63
CA GLY E 317 8.60 2.20 5.30
C GLY E 317 8.19 3.65 5.16
N PRO E 318 6.92 3.95 5.40
CA PRO E 318 6.46 5.34 5.29
C PRO E 318 6.96 6.20 6.45
N GLY E 319 6.92 7.50 6.24
CA GLY E 319 7.10 8.44 7.32
C GLY E 319 5.85 8.54 8.17
N ARG E 320 5.90 9.39 9.18
CA ARG E 320 4.75 9.62 10.04
C ARG E 320 3.88 10.74 9.49
N VAL E 321 2.56 10.49 9.47
CA VAL E 321 1.62 11.44 8.87
C VAL E 321 1.56 12.69 9.74
N LEU E 322 1.62 13.85 9.08
CA LEU E 322 1.36 15.14 9.71
C LEU E 322 -0.05 15.57 9.35
N PRO E 323 -0.97 15.73 10.30
CA PRO E 323 -2.36 16.04 9.91
C PRO E 323 -2.46 17.38 9.18
N THR E 324 -3.25 17.38 8.12
CA THR E 324 -3.45 18.57 7.28
C THR E 324 -4.94 18.68 6.98
N PRO E 325 -5.70 19.38 7.81
CA PRO E 325 -7.14 19.52 7.54
C PRO E 325 -7.46 20.25 6.25
N THR E 326 -6.62 21.18 5.80
CA THR E 326 -6.90 21.95 4.60
C THR E 326 -5.67 22.01 3.69
N GLU E 327 -5.93 22.35 2.42
CA GLU E 327 -4.83 22.58 1.48
C GLU E 327 -3.85 23.59 2.03
N LYS E 328 -4.39 24.68 2.61
CA LYS E 328 -3.56 25.75 3.15
C LYS E 328 -2.58 25.24 4.18
N ASP E 329 -2.98 24.23 4.96
CA ASP E 329 -2.07 23.66 5.94
C ASP E 329 -0.87 23.00 5.29
N VAL E 330 -1.03 22.39 4.12
CA VAL E 330 0.12 21.79 3.45
C VAL E 330 1.12 22.87 3.05
N PHE E 331 0.62 23.96 2.43
CA PHE E 331 1.50 25.08 2.08
C PHE E 331 2.19 25.63 3.33
N ARG E 332 1.43 25.78 4.41
CA ARG E 332 1.98 26.35 5.64
C ARG E 332 3.11 25.50 6.19
N LEU E 333 2.91 24.17 6.23
CA LEU E 333 3.94 23.28 6.78
C LEU E 333 5.14 23.16 5.85
N LEU E 334 4.99 23.49 4.57
CA LEU E 334 6.12 23.52 3.67
C LEU E 334 6.79 24.89 3.56
N GLY E 335 6.29 25.89 4.28
CA GLY E 335 6.84 27.23 4.14
C GLY E 335 6.64 27.87 2.79
N LEU E 336 5.53 27.56 2.10
CA LEU E 336 5.22 28.10 0.79
C LEU E 336 4.06 29.08 0.85
N PRO E 337 4.12 30.20 0.11
CA PRO E 337 2.93 31.05 0.01
C PRO E 337 1.78 30.26 -0.59
N TYR E 338 0.61 30.43 0.00
CA TYR E 338 -0.56 29.78 -0.53
C TYR E 338 -0.86 30.29 -1.93
N ARG E 339 -1.25 29.37 -2.79
CA ARG E 339 -1.66 29.70 -4.16
C ARG E 339 -3.05 29.15 -4.43
N GLU E 340 -3.94 30.03 -4.92
CA GLU E 340 -5.22 29.57 -5.38
C GLU E 340 -5.04 28.58 -6.53
N PRO E 341 -6.03 27.71 -6.78
CA PRO E 341 -5.89 26.73 -7.86
C PRO E 341 -5.47 27.31 -9.21
N ALA E 342 -6.01 28.46 -9.60
CA ALA E 342 -5.68 29.04 -10.90
C ALA E 342 -4.23 29.48 -10.99
N GLU E 343 -3.55 29.64 -9.85
CA GLU E 343 -2.15 30.05 -9.81
C GLU E 343 -1.23 28.85 -9.70
N ARG E 344 -1.76 27.63 -9.83
CA ARG E 344 -0.99 26.40 -9.82
C ARG E 344 -0.83 25.83 -11.21
N ASP E 345 -1.10 26.63 -12.23
CA ASP E 345 -1.25 26.10 -13.58
C ASP E 345 0.09 26.09 -14.31
N TRP E 346 1.01 25.27 -13.79
CA TRP E 346 2.36 25.21 -14.31
C TRP E 346 2.50 24.11 -15.34
O4 DUP K . 4.52 -13.02 13.68
C4 DUP K . 3.51 -13.55 13.23
C5 DUP K . 2.40 -13.89 14.08
C6 DUP K . 1.32 -14.51 13.55
N3 DUP K . 3.43 -13.86 11.92
C2 DUP K . 2.36 -14.49 11.41
O2 DUP K . 2.35 -14.78 10.21
N1 DUP K . 1.30 -14.79 12.20
C1' DUP K . 0.14 -15.46 11.62
C2' DUP K . 0.28 -16.98 11.84
C3' DUP K . -0.52 -17.18 13.14
O3' DUP K . -1.02 -18.52 13.20
O4' DUP K . -1.08 -15.05 12.29
C4' DUP K . -1.68 -16.21 12.88
C5' DUP K . -2.45 -15.83 14.15
O5' DUP K . -1.55 -15.15 15.08
PA DUP K . -1.69 -15.59 16.62
O1A DUP K . -3.13 -15.69 17.00
O2A DUP K . -0.84 -14.68 17.40
N3A DUP K . -1.00 -17.12 16.76
PB DUP K . -1.70 -18.63 16.80
O1B DUP K . -0.96 -19.57 15.90
O2B DUP K . -3.18 -18.49 16.58
O3B DUP K . -1.50 -19.19 18.30
PG DUP K . -2.24 -18.69 19.65
O2G DUP K . -2.90 -19.93 20.19
O1G DUP K . -3.12 -17.53 19.20
O3G DUP K . -1.07 -18.26 20.51
NA NA L . -4.59 -13.80 16.90
MG MG M . -4.42 -17.23 17.56
NA NA N . 3.40 -7.49 25.19
K K O . 24.09 -27.80 11.90
K K P . 4.72 -10.84 25.18
K K Q . 10.60 -36.14 17.42
C TRS R . -16.22 -23.20 10.64
C1 TRS R . -17.18 -24.18 11.28
C2 TRS R . -16.28 -23.29 9.10
C3 TRS R . -14.80 -23.48 11.16
N TRS R . -16.62 -21.79 11.05
O1 TRS R . -16.86 -25.53 10.94
O2 TRS R . -17.58 -22.81 8.70
O3 TRS R . -13.85 -22.63 10.54
C TRS S . -2.16 -13.45 21.14
C1 TRS S . -3.21 -12.89 22.08
C2 TRS S . -2.34 -14.96 20.97
C3 TRS S . -0.75 -13.05 21.62
N TRS S . -2.33 -12.86 19.77
O1 TRS S . -2.62 -12.27 23.20
O2 TRS S . -1.76 -15.19 19.74
O3 TRS S . 0.27 -13.26 20.66
C1 CIT T . -15.48 -24.15 1.13
O1 CIT T . -16.57 -24.73 0.91
O2 CIT T . -14.80 -24.42 2.15
C2 CIT T . -15.02 -23.05 0.20
C3 CIT T . -14.54 -23.60 -1.15
O7 CIT T . -13.50 -24.60 -0.95
C4 CIT T . -15.71 -24.19 -1.93
C5 CIT T . -15.26 -24.57 -3.32
O3 CIT T . -16.07 -24.62 -4.27
O4 CIT T . -14.06 -24.85 -3.52
C6 CIT T . -13.95 -22.40 -1.87
O5 CIT T . -14.70 -21.52 -2.34
O6 CIT T . -12.70 -22.29 -1.99
C1 EDO U . -21.36 -25.03 10.43
O1 EDO U . -20.88 -23.98 11.30
C2 EDO U . -21.94 -24.40 9.16
O2 EDO U . -20.91 -23.75 8.40
C1 EDO V . -8.73 -22.39 0.18
O1 EDO V . -8.08 -23.64 0.14
C2 EDO V . -9.94 -22.41 -0.77
O2 EDO V . -10.80 -23.52 -0.45
C1 EDO W . 9.16 -0.97 43.39
O1 EDO W . 8.00 -1.77 43.66
C2 EDO W . 8.77 0.51 43.27
O2 EDO W . 8.36 0.95 44.58
C1 EDO X . -1.02 -11.07 26.04
O1 EDO X . 0.03 -10.10 26.27
C2 EDO X . -0.62 -12.38 26.72
O2 EDO X . 0.42 -12.99 25.92
C1 EDO Y . 2.00 -10.84 22.67
O1 EDO Y . 3.34 -11.26 22.90
C2 EDO Y . 1.77 -9.43 23.23
O2 EDO Y . 2.14 -9.36 24.62
O4 DUP Z . 1.63 12.74 -13.90
C4 DUP Z . 0.71 13.26 -13.29
C5 DUP Z . -0.53 13.53 -13.92
C6 DUP Z . -1.52 14.10 -13.21
N3 DUP Z . 0.89 13.56 -11.99
C2 DUP Z . -0.12 14.15 -11.29
O2 DUP Z . 0.08 14.46 -10.12
N1 DUP Z . -1.30 14.40 -11.88
C1' DUP Z . -2.35 15.07 -11.08
C2' DUP Z . -2.36 16.61 -11.32
C3' DUP Z . -3.40 16.73 -12.45
O3' DUP Z . -4.02 18.04 -12.49
O4' DUP Z . -3.63 14.58 -11.51
C4' DUP Z . -4.43 15.70 -11.98
C5' DUP Z . -5.38 15.24 -13.10
O5' DUP Z . -4.68 14.64 -14.20
PA DUP Z . -5.11 15.05 -15.69
O1A DUP Z . -4.37 14.16 -16.60
O2A DUP Z . -6.60 15.07 -15.78
N3A DUP Z . -4.53 16.61 -15.92
PB DUP Z . -5.32 18.07 -15.85
O1B DUP Z . -6.72 17.91 -15.37
O2B DUP Z . -4.43 19.07 -15.14
O3B DUP Z . -5.40 18.62 -17.36
PG DUP Z . -6.37 18.12 -18.56
O2G DUP Z . -5.38 17.74 -19.64
O1G DUP Z . -7.08 16.89 -18.05
O3G DUP Z . -7.27 19.24 -18.96
NA NA AA . -7.88 13.12 -15.42
MG MG BA . -7.99 16.47 -16.10
NA NA CA . -1.29 7.41 -25.14
K K DA . 20.62 28.20 -15.21
K K EA . -0.23 10.81 -25.32
K K FA . 6.19 36.42 -18.02
CL CL GA . -17.12 0.76 -2.60
C TRS HA . -18.76 21.81 -7.10
C1 TRS HA . -17.49 22.22 -7.85
C2 TRS HA . -19.90 22.71 -7.56
C3 TRS HA . -18.57 21.94 -5.58
N TRS HA . -19.14 20.37 -7.40
O1 TRS HA . -16.41 21.43 -7.41
O2 TRS HA . -19.57 24.07 -7.28
O3 TRS HA . -19.78 21.49 -5.00
C1 CIT IA . -16.23 22.81 2.04
O1 CIT IA . -15.79 23.14 0.90
O2 CIT IA . -17.27 23.35 2.49
C2 CIT IA . -15.52 21.73 2.82
C3 CIT IA . -14.87 22.32 4.07
O7 CIT IA . -14.02 23.43 3.71
C4 CIT IA . -15.90 22.82 5.08
C5 CIT IA . -15.21 23.33 6.34
O3 CIT IA . -14.05 23.78 6.31
O4 CIT IA . -15.83 23.33 7.43
C6 CIT IA . -14.04 21.19 4.68
O5 CIT IA . -14.61 20.21 5.25
O6 CIT IA . -12.79 21.20 4.60
C1 EDO JA . -10.47 21.43 2.73
O1 EDO JA . -11.28 22.63 2.80
C2 EDO JA . -9.25 21.63 1.81
O2 EDO JA . -8.91 23.00 1.70
C1 EDO KA . 9.45 29.96 -12.96
O1 EDO KA . 10.21 29.67 -11.78
C2 EDO KA . 9.46 28.78 -13.91
O2 EDO KA . 10.76 28.21 -13.92
C FMT LA . -5.78 10.85 -25.18
O1 FMT LA . -5.05 9.88 -25.44
O2 FMT LA . -5.67 11.92 -25.79
C FMT MA . -26.40 18.02 -14.67
O1 FMT MA . -25.86 17.89 -15.77
O2 FMT MA . -27.04 17.11 -14.13
NA NA NA . 20.99 12.23 -18.40
C TRS OA . -6.23 12.78 -19.93
C1 TRS OA . -6.56 14.28 -19.92
C2 TRS OA . -4.95 12.48 -20.70
C3 TRS OA . -7.35 11.95 -20.50
N TRS OA . -6.01 12.43 -18.49
O1 TRS OA . -5.84 14.70 -18.81
O2 TRS OA . -3.80 12.81 -19.96
O3 TRS OA . -7.18 11.88 -21.92
C1 EDO PA . -3.03 9.20 -22.90
O1 EDO PA . -2.65 9.24 -24.29
C2 EDO PA . -1.99 9.91 -22.04
O2 EDO PA . -1.39 11.00 -22.75
#